data_3ZJ6
#
_entry.id   3ZJ6
#
_cell.length_a   103.146
_cell.length_b   127.954
_cell.length_c   215.204
_cell.angle_alpha   90.00
_cell.angle_beta   90.00
_cell.angle_gamma   90.00
#
_symmetry.space_group_name_H-M   'I 2 2 2'
#
loop_
_entity.id
_entity.type
_entity.pdbx_description
1 polymer RAUCAFFRICINE-O-BETA-D-GLUCOSIDASE
2 non-polymer 'SULFATE ION'
3 non-polymer (1R,2S,3S,4R,5R)-4-(cyclohexylmethylamino)-5-(hydroxymethyl)cyclopentane-1,2,3-triol
4 water water
#
_entity_poly.entity_id   1
_entity_poly.type   'polypeptide(L)'
_entity_poly.pdbx_seq_one_letter_code
;MATQSSAVIDSNDATRISRSDFPADFIMGTGSSAYQIEGGARDGGRGPSIWDTFTHRRPDMIRGGTNGDVAVDSYHLYKE
DVNILKNLGLDAYRFSISWSRVLPGGRLSGGVNKEGINYYNNLIDGLLANGIKPFVTLFHWDVPQALEDEYGGFLSPRIV
DDFCEYAELCFWEFGDRVKHWMTLNEPWTFSVHGYATGLYAPGRGRTSPEHVNHPTVQHRCSTVAPQCICSTGNPGTEPY
WVTHHLLLAHAAAVELYKNKFQRGQEGQIGISHATQWMEPWDENSASDVEAAARALDFMLGWFMEPITSGDYPKSMKKFV
GSRLPKFSPEQSKMLKGSYDFVGLNYYTASYVTNASTNSSGSNNFSYNTDIHVTYETDRNGVPIGPQSGSDWLLIYPEGI
RKILVYTKKTYNVPLIYVTENGVDDVKNTNLTLSEARKDSMRLKYLQDHIFNVRQAMNDGVNVKGYFAWSLLDNFEWGEG
YGVRFGIIHIDYNDNFARYPKDSAVWLMNSFHKNISKLPAVKRSIREDDEEQVSSKRLRK
;
_entity_poly.pdbx_strand_id   A,B
#
loop_
_chem_comp.id
_chem_comp.type
_chem_comp.name
_chem_comp.formula
SO4 non-polymer 'SULFATE ION' 'O4 S -2'
VM2 non-polymer (1R,2S,3S,4R,5R)-4-(cyclohexylmethylamino)-5-(hydroxymethyl)cyclopentane-1,2,3-triol 'C13 H25 N O4'
#
# COMPACT_ATOMS: atom_id res chain seq x y z
N ASP A 13 6.96 -18.31 36.39
CA ASP A 13 7.18 -17.07 35.57
C ASP A 13 7.46 -17.38 34.08
N ALA A 14 6.52 -16.97 33.22
CA ALA A 14 6.59 -17.23 31.80
C ALA A 14 7.69 -16.42 31.10
N THR A 15 8.07 -15.26 31.64
CA THR A 15 9.04 -14.36 30.96
C THR A 15 10.43 -15.01 30.89
N ARG A 16 10.61 -16.05 31.70
CA ARG A 16 11.89 -16.76 31.79
C ARG A 16 11.96 -18.01 30.91
N ILE A 17 10.84 -18.41 30.30
CA ILE A 17 10.80 -19.63 29.49
C ILE A 17 11.89 -19.60 28.39
N SER A 18 12.58 -20.71 28.21
CA SER A 18 13.71 -20.78 27.26
C SER A 18 13.96 -22.21 26.77
N ARG A 19 14.88 -22.39 25.84
CA ARG A 19 15.15 -23.70 25.28
C ARG A 19 15.59 -24.71 26.34
N SER A 20 16.06 -24.23 27.49
CA SER A 20 16.56 -25.17 28.49
C SER A 20 15.38 -25.73 29.32
N ASP A 21 14.17 -25.23 29.10
CA ASP A 21 12.97 -25.86 29.68
C ASP A 21 12.37 -26.99 28.79
N PHE A 22 13.01 -27.30 27.67
CA PHE A 22 12.50 -28.25 26.70
C PHE A 22 13.53 -29.33 26.39
N PRO A 23 13.07 -30.47 25.82
CA PRO A 23 14.11 -31.47 25.48
C PRO A 23 15.11 -30.93 24.44
N ALA A 24 16.33 -31.44 24.47
CA ALA A 24 17.38 -30.95 23.60
C ALA A 24 16.99 -30.96 22.12
N ASP A 25 16.11 -31.88 21.72
CA ASP A 25 15.72 -32.06 20.33
C ASP A 25 14.35 -31.42 20.01
N PHE A 26 13.85 -30.58 20.91
CA PHE A 26 12.60 -29.88 20.68
C PHE A 26 12.79 -28.88 19.52
N ILE A 27 11.85 -28.84 18.60
CA ILE A 27 11.97 -28.05 17.40
C ILE A 27 11.27 -26.68 17.57
N MET A 28 12.02 -25.59 17.40
CA MET A 28 11.41 -24.25 17.39
C MET A 28 11.44 -23.71 15.99
N GLY A 29 10.40 -23.00 15.59
CA GLY A 29 10.41 -22.37 14.29
C GLY A 29 9.39 -21.25 14.13
N THR A 30 9.25 -20.80 12.87
CA THR A 30 8.30 -19.77 12.42
C THR A 30 7.64 -20.24 11.10
N GLY A 31 6.65 -19.48 10.62
CA GLY A 31 5.83 -19.93 9.50
C GLY A 31 5.36 -18.81 8.57
N SER A 32 4.85 -19.29 7.43
CA SER A 32 4.32 -18.49 6.31
C SER A 32 3.43 -19.42 5.46
N SER A 33 2.69 -18.87 4.52
CA SER A 33 2.04 -19.66 3.48
C SER A 33 2.28 -18.90 2.18
N ALA A 34 2.24 -19.63 1.08
CA ALA A 34 2.68 -19.11 -0.19
C ALA A 34 1.95 -17.86 -0.62
N TYR A 35 0.61 -17.86 -0.55
CA TYR A 35 -0.12 -16.73 -1.07
C TYR A 35 0.12 -15.46 -0.23
N GLN A 36 0.37 -15.68 1.07
CA GLN A 36 0.48 -14.58 2.03
C GLN A 36 1.80 -13.81 1.96
N ILE A 37 2.85 -14.44 1.46
CA ILE A 37 4.19 -13.80 1.43
C ILE A 37 4.83 -13.78 0.05
N GLU A 38 4.58 -14.77 -0.81
CA GLU A 38 5.39 -14.88 -2.03
C GLU A 38 5.36 -13.72 -3.00
N GLY A 39 4.19 -13.21 -3.35
CA GLY A 39 4.12 -12.35 -4.51
C GLY A 39 4.52 -13.11 -5.76
N GLY A 40 5.11 -12.38 -6.73
CA GLY A 40 5.37 -12.97 -8.05
C GLY A 40 4.18 -13.82 -8.52
N ALA A 41 2.96 -13.30 -8.34
CA ALA A 41 1.73 -14.07 -8.62
C ALA A 41 1.66 -14.50 -10.06
N ARG A 42 2.22 -13.72 -10.98
CA ARG A 42 2.30 -14.12 -12.41
C ARG A 42 3.74 -14.12 -12.91
N ASP A 43 4.69 -14.41 -12.01
CA ASP A 43 6.13 -14.46 -12.35
C ASP A 43 6.56 -15.89 -12.32
N GLY A 44 7.54 -16.20 -13.19
CA GLY A 44 8.17 -17.47 -13.20
C GLY A 44 7.20 -18.59 -13.49
N GLY A 45 6.23 -18.31 -14.38
CA GLY A 45 5.26 -19.30 -14.85
C GLY A 45 4.10 -19.61 -13.92
N ARG A 46 4.00 -19.01 -12.73
CA ARG A 46 2.85 -19.32 -11.86
C ARG A 46 1.50 -19.12 -12.55
N GLY A 47 0.61 -20.08 -12.35
CA GLY A 47 -0.79 -19.90 -12.71
C GLY A 47 -1.63 -19.34 -11.56
N PRO A 48 -2.84 -18.83 -11.88
CA PRO A 48 -3.63 -18.24 -10.78
C PRO A 48 -4.21 -19.23 -9.74
N SER A 49 -4.42 -18.78 -8.51
CA SER A 49 -5.15 -19.59 -7.55
C SER A 49 -6.49 -18.93 -7.31
N ILE A 50 -7.39 -19.63 -6.62
CA ILE A 50 -8.70 -19.04 -6.31
C ILE A 50 -8.58 -17.75 -5.50
N TRP A 51 -7.49 -17.58 -4.77
CA TRP A 51 -7.29 -16.33 -4.04
C TRP A 51 -6.88 -15.11 -4.90
N ASP A 52 -6.17 -15.36 -6.01
CA ASP A 52 -5.83 -14.31 -6.98
C ASP A 52 -7.17 -13.83 -7.50
N THR A 53 -8.01 -14.78 -7.89
CA THR A 53 -9.30 -14.51 -8.51
C THR A 53 -10.25 -13.80 -7.57
N PHE A 54 -10.38 -14.29 -6.36
CA PHE A 54 -11.23 -13.69 -5.36
C PHE A 54 -10.80 -12.23 -5.08
N THR A 55 -9.51 -12.00 -4.76
CA THR A 55 -9.03 -10.63 -4.49
C THR A 55 -9.10 -9.69 -5.69
N HIS A 56 -8.99 -10.25 -6.93
CA HIS A 56 -9.06 -9.48 -8.18
C HIS A 56 -10.50 -9.08 -8.57
N ARG A 57 -11.40 -10.05 -8.55
CA ARG A 57 -12.78 -9.81 -8.98
C ARG A 57 -13.69 -9.27 -7.86
N ARG A 58 -13.30 -9.50 -6.61
CA ARG A 58 -14.13 -9.14 -5.45
C ARG A 58 -13.28 -8.40 -4.42
N PRO A 59 -12.65 -7.28 -4.86
CA PRO A 59 -11.77 -6.56 -3.91
C PRO A 59 -12.54 -6.01 -2.69
N ASP A 60 -13.85 -5.82 -2.82
CA ASP A 60 -14.69 -5.43 -1.67
C ASP A 60 -14.68 -6.41 -0.51
N MET A 61 -14.22 -7.65 -0.73
CA MET A 61 -14.17 -8.67 0.33
C MET A 61 -12.90 -8.57 1.15
N ILE A 62 -12.04 -7.63 0.75
CA ILE A 62 -10.71 -7.47 1.36
C ILE A 62 -10.60 -6.06 1.93
N ARG A 63 -10.24 -5.97 3.20
CA ARG A 63 -9.98 -4.70 3.86
C ARG A 63 -8.88 -3.95 3.11
N GLY A 64 -9.23 -2.79 2.54
CA GLY A 64 -8.35 -1.96 1.69
C GLY A 64 -8.35 -2.34 0.18
N GLY A 65 -9.15 -3.34 -0.20
CA GLY A 65 -9.17 -3.84 -1.58
C GLY A 65 -7.88 -4.46 -2.11
N THR A 66 -6.97 -4.90 -1.23
CA THR A 66 -5.64 -5.35 -1.64
C THR A 66 -5.62 -6.83 -2.06
N ASN A 67 -4.47 -7.31 -2.53
CA ASN A 67 -4.30 -8.66 -2.98
C ASN A 67 -2.85 -9.10 -2.82
N GLY A 68 -2.60 -10.38 -3.12
CA GLY A 68 -1.26 -10.97 -3.03
C GLY A 68 -0.44 -10.99 -4.35
N ASP A 69 -0.74 -10.07 -5.29
CA ASP A 69 0.08 -10.00 -6.50
C ASP A 69 1.58 -9.90 -6.16
N VAL A 70 1.89 -9.10 -5.13
CA VAL A 70 3.24 -8.83 -4.70
C VAL A 70 3.45 -9.26 -3.23
N ALA A 71 2.37 -9.30 -2.44
CA ALA A 71 2.41 -9.63 -1.02
C ALA A 71 3.62 -8.94 -0.37
N VAL A 72 4.56 -9.70 0.22
CA VAL A 72 5.80 -9.11 0.79
C VAL A 72 7.00 -9.55 -0.02
N ASP A 73 6.70 -10.02 -1.25
CA ASP A 73 7.70 -10.30 -2.29
C ASP A 73 8.77 -11.33 -1.91
N SER A 74 8.45 -12.25 -0.99
CA SER A 74 9.34 -13.40 -0.68
C SER A 74 9.75 -14.27 -1.88
N TYR A 75 8.97 -14.26 -2.97
CA TYR A 75 9.41 -14.92 -4.21
C TYR A 75 10.77 -14.39 -4.69
N HIS A 76 10.92 -13.07 -4.74
CA HIS A 76 12.18 -12.44 -5.19
C HIS A 76 13.17 -12.27 -4.05
N LEU A 77 12.67 -12.17 -2.78
CA LEU A 77 13.44 -11.80 -1.57
C LEU A 77 13.80 -13.01 -0.73
N TYR A 78 13.61 -14.21 -1.26
CA TYR A 78 13.85 -15.45 -0.51
C TYR A 78 15.22 -15.51 0.16
N LYS A 79 16.25 -14.99 -0.50
CA LYS A 79 17.59 -15.00 0.10
C LYS A 79 17.67 -14.07 1.32
N GLU A 80 16.92 -12.99 1.26
CA GLU A 80 16.83 -12.08 2.35
C GLU A 80 16.06 -12.76 3.51
N ASP A 81 15.01 -13.55 3.23
CA ASP A 81 14.24 -14.21 4.29
C ASP A 81 15.10 -15.28 4.95
N VAL A 82 15.88 -16.00 4.15
CA VAL A 82 16.79 -17.00 4.65
C VAL A 82 17.86 -16.37 5.56
N ASN A 83 18.36 -15.21 5.17
CA ASN A 83 19.29 -14.48 6.01
C ASN A 83 18.62 -14.06 7.32
N ILE A 84 17.38 -13.56 7.24
CA ILE A 84 16.59 -13.29 8.46
C ILE A 84 16.46 -14.55 9.34
N LEU A 85 16.11 -15.69 8.73
CA LEU A 85 15.92 -16.93 9.50
C LEU A 85 17.23 -17.41 10.13
N LYS A 86 18.35 -17.23 9.43
CA LYS A 86 19.66 -17.56 9.97
C LYS A 86 19.97 -16.72 11.23
N ASN A 87 19.79 -15.39 11.13
CA ASN A 87 20.02 -14.50 12.26
C ASN A 87 19.07 -14.79 13.43
N LEU A 88 17.78 -15.08 13.10
CA LEU A 88 16.81 -15.52 14.09
C LEU A 88 17.25 -16.80 14.86
N GLY A 89 17.88 -17.75 14.18
CA GLY A 89 18.54 -18.88 14.87
C GLY A 89 17.68 -20.04 15.34
N LEU A 90 16.40 -20.08 14.95
CA LEU A 90 15.51 -21.23 15.24
C LEU A 90 15.78 -22.43 14.30
N ASP A 91 15.54 -23.67 14.77
CA ASP A 91 15.85 -24.94 14.03
C ASP A 91 15.05 -25.10 12.76
N ALA A 92 13.86 -24.55 12.68
CA ALA A 92 12.94 -24.97 11.63
C ALA A 92 12.18 -23.81 11.02
N TYR A 93 11.63 -24.03 9.82
CA TYR A 93 10.83 -23.01 9.16
C TYR A 93 9.72 -23.71 8.39
N ARG A 94 8.48 -23.26 8.60
CA ARG A 94 7.29 -23.87 8.03
C ARG A 94 6.80 -22.97 6.89
N PHE A 95 6.62 -23.51 5.69
CA PHE A 95 6.13 -22.75 4.56
C PHE A 95 5.30 -23.68 3.69
N SER A 96 4.55 -23.14 2.75
CA SER A 96 3.76 -23.96 1.85
C SER A 96 4.20 -23.76 0.42
N ILE A 97 3.85 -24.71 -0.42
CA ILE A 97 4.13 -24.67 -1.79
C ILE A 97 2.85 -24.19 -2.46
N SER A 98 2.97 -23.27 -3.43
CA SER A 98 1.81 -22.84 -4.17
C SER A 98 1.61 -23.87 -5.27
N TRP A 99 0.51 -24.63 -5.18
CA TRP A 99 0.11 -25.64 -6.15
C TRP A 99 0.17 -25.09 -7.58
N SER A 100 -0.39 -23.91 -7.81
CA SER A 100 -0.42 -23.36 -9.17
C SER A 100 0.90 -22.66 -9.55
N ARG A 101 1.86 -22.59 -8.64
CA ARG A 101 3.22 -22.25 -9.06
C ARG A 101 3.95 -23.41 -9.76
N VAL A 102 3.82 -24.64 -9.23
CA VAL A 102 4.54 -25.78 -9.81
C VAL A 102 3.71 -26.46 -10.90
N LEU A 103 2.38 -26.34 -10.79
CA LEU A 103 1.43 -26.90 -11.77
C LEU A 103 0.43 -25.82 -12.17
N PRO A 104 0.77 -24.99 -13.16
CA PRO A 104 -0.05 -23.76 -13.38
C PRO A 104 -1.51 -24.04 -13.65
N GLY A 105 -1.81 -25.23 -14.18
CA GLY A 105 -3.19 -25.65 -14.49
C GLY A 105 -3.74 -26.67 -13.52
N GLY A 106 -3.04 -26.83 -12.39
CA GLY A 106 -3.50 -27.71 -11.34
C GLY A 106 -3.29 -29.18 -11.63
N ARG A 107 -3.81 -29.67 -12.75
CA ARG A 107 -3.62 -31.06 -13.14
C ARG A 107 -2.39 -31.14 -14.07
N LEU A 108 -1.79 -32.33 -14.18
CA LEU A 108 -0.56 -32.50 -14.94
C LEU A 108 -0.65 -31.96 -16.39
N SER A 109 -1.76 -32.21 -17.08
CA SER A 109 -1.91 -31.79 -18.45
C SER A 109 -1.89 -30.27 -18.59
N GLY A 110 -1.99 -29.56 -17.48
CA GLY A 110 -1.91 -28.08 -17.53
C GLY A 110 -0.44 -27.60 -17.54
N GLY A 111 0.51 -28.54 -17.50
CA GLY A 111 1.93 -28.15 -17.56
C GLY A 111 2.68 -28.23 -16.24
N VAL A 112 3.94 -28.62 -16.35
CA VAL A 112 4.81 -28.71 -15.21
C VAL A 112 5.74 -27.55 -15.24
N ASN A 113 5.71 -26.70 -14.19
CA ASN A 113 6.49 -25.47 -14.23
C ASN A 113 7.85 -25.63 -13.52
N LYS A 114 8.86 -25.85 -14.35
CA LYS A 114 10.22 -26.04 -13.96
C LYS A 114 10.79 -24.88 -13.12
N GLU A 115 10.53 -23.68 -13.56
CA GLU A 115 10.94 -22.50 -12.81
C GLU A 115 10.33 -22.39 -11.38
N GLY A 116 9.09 -22.85 -11.22
CA GLY A 116 8.47 -22.86 -9.93
C GLY A 116 9.10 -23.94 -9.06
N ILE A 117 9.42 -25.09 -9.65
CA ILE A 117 10.16 -26.11 -8.95
C ILE A 117 11.53 -25.54 -8.51
N ASN A 118 12.22 -24.76 -9.38
CA ASN A 118 13.56 -24.23 -9.07
C ASN A 118 13.45 -23.28 -7.88
N TYR A 119 12.42 -22.43 -7.86
CA TYR A 119 12.26 -21.57 -6.71
C TYR A 119 12.22 -22.36 -5.36
N TYR A 120 11.38 -23.42 -5.24
CA TYR A 120 11.34 -24.19 -3.99
C TYR A 120 12.64 -24.92 -3.70
N ASN A 121 13.31 -25.42 -4.73
CA ASN A 121 14.61 -26.01 -4.53
C ASN A 121 15.59 -24.96 -3.96
N ASN A 122 15.56 -23.74 -4.50
CA ASN A 122 16.48 -22.68 -4.04
C ASN A 122 16.23 -22.36 -2.55
N LEU A 123 14.95 -22.28 -2.19
CA LEU A 123 14.55 -22.00 -0.84
C LEU A 123 14.99 -23.14 0.09
N ILE A 124 14.62 -24.37 -0.24
CA ILE A 124 15.02 -25.54 0.54
C ILE A 124 16.56 -25.61 0.74
N ASP A 125 17.30 -25.50 -0.36
CA ASP A 125 18.74 -25.43 -0.34
C ASP A 125 19.32 -24.33 0.53
N GLY A 126 18.74 -23.13 0.51
CA GLY A 126 19.26 -22.04 1.33
C GLY A 126 18.99 -22.33 2.81
N LEU A 127 17.79 -22.84 3.09
CA LEU A 127 17.41 -23.25 4.42
C LEU A 127 18.37 -24.31 4.96
N LEU A 128 18.57 -25.41 4.22
CA LEU A 128 19.49 -26.44 4.73
C LEU A 128 20.94 -25.96 4.83
N ALA A 129 21.35 -25.03 3.97
CA ALA A 129 22.75 -24.58 4.02
C ALA A 129 22.99 -23.78 5.33
N ASN A 130 21.90 -23.29 5.90
CA ASN A 130 21.96 -22.55 7.18
C ASN A 130 21.46 -23.38 8.40
N GLY A 131 21.38 -24.70 8.27
CA GLY A 131 21.00 -25.53 9.38
C GLY A 131 19.53 -25.50 9.77
N ILE A 132 18.66 -25.07 8.84
CA ILE A 132 17.22 -24.88 9.14
C ILE A 132 16.37 -26.00 8.52
N LYS A 133 15.61 -26.73 9.31
CA LYS A 133 14.76 -27.80 8.74
C LYS A 133 13.49 -27.24 8.11
N PRO A 134 13.22 -27.61 6.85
CA PRO A 134 11.99 -27.14 6.19
C PRO A 134 10.80 -27.99 6.59
N PHE A 135 9.68 -27.36 7.00
CA PHE A 135 8.42 -28.08 7.26
C PHE A 135 7.44 -27.60 6.23
N VAL A 136 6.96 -28.49 5.39
CA VAL A 136 6.36 -28.03 4.13
C VAL A 136 4.92 -28.49 4.01
N THR A 137 4.05 -27.52 3.76
CA THR A 137 2.63 -27.76 3.59
C THR A 137 2.31 -27.71 2.12
N LEU A 138 1.66 -28.76 1.61
CA LEU A 138 1.23 -28.89 0.21
C LEU A 138 0.07 -27.92 -0.08
N PHE A 139 -0.92 -27.85 0.84
CA PHE A 139 -2.09 -27.05 0.57
C PHE A 139 -2.50 -26.05 1.66
N HIS A 140 -2.22 -24.77 1.43
CA HIS A 140 -2.64 -23.72 2.33
C HIS A 140 -3.54 -22.77 1.54
N TRP A 141 -4.59 -23.35 0.96
CA TRP A 141 -5.83 -22.65 0.52
C TRP A 141 -5.84 -22.15 -0.91
N ASP A 142 -4.66 -22.15 -1.56
CA ASP A 142 -4.44 -21.52 -2.90
C ASP A 142 -4.70 -22.59 -4.00
N VAL A 143 -5.98 -23.00 -4.09
CA VAL A 143 -6.43 -23.95 -5.11
C VAL A 143 -6.17 -23.36 -6.49
N PRO A 144 -5.56 -24.15 -7.39
CA PRO A 144 -5.49 -23.65 -8.80
C PRO A 144 -6.84 -23.25 -9.33
N GLN A 145 -6.95 -22.03 -9.85
CA GLN A 145 -8.17 -21.58 -10.48
C GLN A 145 -8.58 -22.55 -11.62
N ALA A 146 -7.61 -23.21 -12.25
CA ALA A 146 -7.97 -24.05 -13.41
C ALA A 146 -8.85 -25.19 -12.93
N LEU A 147 -8.55 -25.71 -11.73
CA LEU A 147 -9.30 -26.85 -11.20
C LEU A 147 -10.63 -26.36 -10.63
N GLU A 148 -10.60 -25.18 -10.04
CA GLU A 148 -11.84 -24.56 -9.56
C GLU A 148 -12.85 -24.37 -10.68
N ASP A 149 -12.35 -23.86 -11.81
CA ASP A 149 -13.20 -23.64 -12.97
C ASP A 149 -13.59 -24.94 -13.69
N GLU A 150 -12.64 -25.88 -13.83
CA GLU A 150 -12.98 -27.05 -14.64
C GLU A 150 -14.08 -27.88 -13.92
N TYR A 151 -14.01 -28.03 -12.61
CA TYR A 151 -14.93 -28.97 -11.91
C TYR A 151 -15.35 -28.56 -10.49
N GLY A 152 -15.03 -27.34 -10.07
CA GLY A 152 -15.38 -26.85 -8.75
C GLY A 152 -14.37 -27.16 -7.65
N GLY A 153 -13.14 -27.47 -8.02
CA GLY A 153 -12.08 -27.65 -7.03
C GLY A 153 -12.57 -28.66 -5.99
N PHE A 154 -12.43 -28.31 -4.69
CA PHE A 154 -12.79 -29.22 -3.60
C PHE A 154 -14.28 -29.60 -3.49
N LEU A 155 -15.13 -28.94 -4.25
CA LEU A 155 -16.52 -29.43 -4.39
C LEU A 155 -16.63 -30.75 -5.13
N SER A 156 -15.58 -31.13 -5.84
CA SER A 156 -15.69 -32.32 -6.65
C SER A 156 -14.76 -33.40 -6.14
N PRO A 157 -15.18 -34.69 -6.23
CA PRO A 157 -14.21 -35.75 -5.90
C PRO A 157 -13.00 -35.78 -6.86
N ARG A 158 -13.09 -35.10 -8.00
CA ARG A 158 -11.95 -35.08 -8.93
C ARG A 158 -10.70 -34.49 -8.33
N ILE A 159 -10.86 -33.65 -7.29
CA ILE A 159 -9.76 -32.99 -6.60
C ILE A 159 -8.80 -33.98 -5.92
N VAL A 160 -9.27 -35.19 -5.67
CA VAL A 160 -8.50 -36.14 -4.86
C VAL A 160 -7.31 -36.65 -5.63
N ASP A 161 -7.56 -37.20 -6.83
CA ASP A 161 -6.49 -37.64 -7.73
C ASP A 161 -5.54 -36.51 -8.17
N ASP A 162 -6.09 -35.30 -8.45
CA ASP A 162 -5.21 -34.20 -8.84
C ASP A 162 -4.28 -33.75 -7.67
N PHE A 163 -4.83 -33.70 -6.46
CA PHE A 163 -4.00 -33.39 -5.30
C PHE A 163 -2.89 -34.44 -5.14
N CYS A 164 -3.24 -35.72 -5.34
CA CYS A 164 -2.28 -36.83 -5.29
CA CYS A 164 -2.26 -36.83 -5.30
C CYS A 164 -1.14 -36.66 -6.31
N GLU A 165 -1.47 -36.36 -7.57
CA GLU A 165 -0.45 -36.07 -8.59
C GLU A 165 0.47 -34.92 -8.15
N TYR A 166 -0.15 -33.89 -7.58
CA TYR A 166 0.58 -32.75 -7.10
C TYR A 166 1.49 -33.15 -5.92
N ALA A 167 0.95 -33.88 -4.94
CA ALA A 167 1.74 -34.36 -3.79
C ALA A 167 2.95 -35.16 -4.31
N GLU A 168 2.72 -36.00 -5.31
CA GLU A 168 3.74 -36.91 -5.82
C GLU A 168 4.86 -36.13 -6.53
N LEU A 169 4.48 -35.09 -7.27
CA LEU A 169 5.47 -34.20 -7.85
C LEU A 169 6.34 -33.61 -6.75
N CYS A 170 5.74 -33.08 -5.69
CA CYS A 170 6.50 -32.49 -4.60
C CYS A 170 7.39 -33.52 -3.87
N PHE A 171 6.85 -34.72 -3.62
CA PHE A 171 7.67 -35.72 -2.93
C PHE A 171 8.87 -36.06 -3.79
N TRP A 172 8.64 -36.20 -5.10
CA TRP A 172 9.71 -36.56 -6.04
C TRP A 172 10.79 -35.47 -6.11
N GLU A 173 10.36 -34.20 -6.26
CA GLU A 173 11.29 -33.09 -6.51
C GLU A 173 12.02 -32.68 -5.26
N PHE A 174 11.33 -32.76 -4.10
CA PHE A 174 11.86 -32.19 -2.86
C PHE A 174 12.12 -33.16 -1.71
N GLY A 175 11.53 -34.36 -1.77
CA GLY A 175 11.49 -35.26 -0.61
C GLY A 175 12.85 -35.74 -0.20
N ASP A 176 13.85 -35.66 -1.09
CA ASP A 176 15.23 -36.02 -0.69
C ASP A 176 15.78 -35.05 0.38
N ARG A 177 15.24 -33.83 0.42
CA ARG A 177 15.68 -32.81 1.38
C ARG A 177 14.58 -32.45 2.40
N VAL A 178 13.32 -32.48 2.00
CA VAL A 178 12.23 -32.18 2.91
C VAL A 178 11.78 -33.44 3.64
N LYS A 179 11.85 -33.41 4.97
CA LYS A 179 11.56 -34.60 5.80
C LYS A 179 10.30 -34.43 6.65
N HIS A 180 9.64 -33.29 6.58
CA HIS A 180 8.44 -33.06 7.36
C HIS A 180 7.40 -32.42 6.43
N TRP A 181 6.36 -33.17 6.14
CA TRP A 181 5.35 -32.75 5.20
C TRP A 181 4.01 -32.63 5.91
N MET A 182 3.19 -31.68 5.48
CA MET A 182 1.83 -31.59 5.89
C MET A 182 0.99 -31.49 4.65
N THR A 183 -0.04 -32.29 4.58
CA THR A 183 -0.92 -32.28 3.44
C THR A 183 -1.67 -30.97 3.41
N LEU A 184 -2.32 -30.61 4.51
CA LEU A 184 -3.28 -29.50 4.48
C LEU A 184 -2.99 -28.61 5.66
N ASN A 185 -3.26 -27.33 5.48
CA ASN A 185 -3.33 -26.42 6.62
C ASN A 185 -4.75 -25.92 6.84
N GLU A 186 -5.25 -26.04 8.08
CA GLU A 186 -6.59 -25.55 8.42
C GLU A 186 -7.67 -25.83 7.38
N PRO A 187 -7.91 -27.11 7.09
CA PRO A 187 -9.03 -27.35 6.13
C PRO A 187 -10.34 -26.84 6.73
N TRP A 188 -10.40 -26.78 8.07
CA TRP A 188 -11.57 -26.20 8.75
C TRP A 188 -11.85 -24.78 8.23
N THR A 189 -10.81 -23.95 8.22
CA THR A 189 -10.97 -22.56 7.90
C THR A 189 -11.34 -22.47 6.43
N PHE A 190 -10.63 -23.26 5.62
CA PHE A 190 -10.86 -23.27 4.20
C PHE A 190 -12.31 -23.57 3.91
N SER A 191 -12.80 -24.65 4.50
CA SER A 191 -14.16 -25.10 4.25
C SER A 191 -15.23 -24.13 4.79
N VAL A 192 -15.04 -23.73 6.03
CA VAL A 192 -16.04 -22.86 6.66
C VAL A 192 -16.07 -21.44 6.05
N HIS A 193 -14.92 -20.81 5.93
CA HIS A 193 -14.90 -19.41 5.47
C HIS A 193 -15.11 -19.38 3.93
N GLY A 194 -14.76 -20.46 3.22
CA GLY A 194 -14.99 -20.51 1.77
C GLY A 194 -16.40 -20.87 1.31
N TYR A 195 -17.11 -21.67 2.11
CA TYR A 195 -18.35 -22.30 1.68
C TYR A 195 -19.48 -22.17 2.69
N ALA A 196 -19.20 -21.73 3.91
CA ALA A 196 -20.27 -21.51 4.85
C ALA A 196 -20.50 -20.01 5.00
N THR A 197 -19.49 -19.24 5.36
CA THR A 197 -19.71 -17.79 5.49
C THR A 197 -19.47 -17.04 4.17
N GLY A 198 -18.74 -17.66 3.23
CA GLY A 198 -18.39 -17.06 1.95
C GLY A 198 -17.51 -15.83 2.01
N LEU A 199 -16.73 -15.71 3.09
CA LEU A 199 -15.84 -14.55 3.28
C LEU A 199 -14.43 -14.73 2.75
N TYR A 200 -14.01 -15.98 2.53
CA TYR A 200 -12.73 -16.30 1.93
C TYR A 200 -13.01 -16.96 0.56
N ALA A 201 -11.99 -16.98 -0.30
CA ALA A 201 -12.04 -17.70 -1.56
C ALA A 201 -12.51 -19.14 -1.33
N PRO A 202 -13.43 -19.63 -2.16
CA PRO A 202 -14.00 -19.06 -3.39
C PRO A 202 -15.24 -18.19 -3.20
N GLY A 203 -15.54 -17.81 -1.97
CA GLY A 203 -16.61 -16.83 -1.71
C GLY A 203 -18.03 -17.34 -1.86
N ARG A 204 -18.29 -18.56 -1.40
CA ARG A 204 -19.61 -19.14 -1.54
C ARG A 204 -20.34 -19.31 -0.22
N GLY A 205 -21.66 -19.31 -0.30
CA GLY A 205 -22.46 -19.64 0.84
C GLY A 205 -23.14 -18.51 1.61
N ARG A 206 -22.75 -17.25 1.38
CA ARG A 206 -23.22 -16.10 2.18
C ARG A 206 -24.72 -15.79 1.97
N THR A 232 -24.93 -21.55 -6.96
CA THR A 232 -24.34 -20.34 -6.32
C THR A 232 -23.80 -20.46 -4.84
N GLY A 233 -24.07 -21.58 -4.18
CA GLY A 233 -23.51 -21.82 -2.83
C GLY A 233 -24.65 -22.31 -1.97
N ASN A 234 -24.28 -22.96 -0.87
CA ASN A 234 -25.23 -23.55 0.07
C ASN A 234 -24.43 -23.88 1.33
N PRO A 235 -24.54 -23.02 2.37
CA PRO A 235 -23.75 -23.19 3.58
C PRO A 235 -24.20 -24.46 4.35
N GLY A 236 -25.30 -25.06 3.92
CA GLY A 236 -25.80 -26.26 4.57
C GLY A 236 -25.32 -27.60 4.04
N THR A 237 -24.71 -27.59 2.85
CA THR A 237 -24.30 -28.82 2.18
C THR A 237 -22.84 -28.75 1.74
N GLU A 238 -22.43 -27.60 1.20
CA GLU A 238 -21.11 -27.51 0.57
C GLU A 238 -19.95 -27.61 1.58
N PRO A 239 -20.07 -26.99 2.79
CA PRO A 239 -18.94 -27.20 3.71
C PRO A 239 -18.70 -28.66 4.02
N TYR A 240 -19.76 -29.48 4.07
CA TYR A 240 -19.58 -30.90 4.36
C TYR A 240 -19.00 -31.67 3.18
N TRP A 241 -19.36 -31.31 1.93
CA TRP A 241 -18.72 -31.92 0.76
C TRP A 241 -17.25 -31.56 0.61
N VAL A 242 -16.96 -30.28 0.83
CA VAL A 242 -15.61 -29.75 0.72
C VAL A 242 -14.71 -30.45 1.76
N THR A 243 -15.19 -30.53 2.99
CA THR A 243 -14.40 -31.15 4.07
C THR A 243 -14.20 -32.62 3.76
N HIS A 244 -15.26 -33.30 3.32
CA HIS A 244 -15.15 -34.68 2.88
C HIS A 244 -14.06 -34.88 1.83
N HIS A 245 -14.01 -34.02 0.82
CA HIS A 245 -13.01 -34.18 -0.21
C HIS A 245 -11.62 -33.79 0.32
N LEU A 246 -11.57 -32.80 1.22
CA LEU A 246 -10.31 -32.42 1.86
C LEU A 246 -9.77 -33.61 2.61
N LEU A 247 -10.62 -34.29 3.38
CA LEU A 247 -10.17 -35.47 4.09
C LEU A 247 -9.67 -36.57 3.19
N LEU A 248 -10.36 -36.78 2.07
CA LEU A 248 -10.02 -37.88 1.17
C LEU A 248 -8.72 -37.53 0.44
N ALA A 249 -8.54 -36.25 0.09
CA ALA A 249 -7.27 -35.77 -0.52
C ALA A 249 -6.13 -36.00 0.46
N HIS A 250 -6.32 -35.61 1.73
CA HIS A 250 -5.29 -35.86 2.70
C HIS A 250 -4.99 -37.38 2.80
N ALA A 251 -6.02 -38.22 2.91
CA ALA A 251 -5.83 -39.68 3.04
C ALA A 251 -5.02 -40.24 1.88
N ALA A 252 -5.41 -39.90 0.67
CA ALA A 252 -4.75 -40.44 -0.50
C ALA A 252 -3.29 -39.94 -0.64
N ALA A 253 -3.00 -38.70 -0.29
CA ALA A 253 -1.60 -38.20 -0.28
C ALA A 253 -0.78 -38.91 0.79
N VAL A 254 -1.39 -39.20 1.95
CA VAL A 254 -0.68 -39.91 3.02
C VAL A 254 -0.35 -41.33 2.55
N GLU A 255 -1.30 -42.00 1.95
CA GLU A 255 -1.10 -43.33 1.45
C GLU A 255 -0.01 -43.34 0.36
N LEU A 256 -0.08 -42.36 -0.52
CA LEU A 256 0.93 -42.16 -1.51
C LEU A 256 2.33 -42.01 -0.86
N TYR A 257 2.47 -41.11 0.10
CA TYR A 257 3.76 -40.93 0.70
C TYR A 257 4.23 -42.22 1.40
N LYS A 258 3.39 -42.82 2.22
CA LYS A 258 3.77 -44.00 3.03
C LYS A 258 4.14 -45.21 2.17
N ASN A 259 3.43 -45.40 1.07
CA ASN A 259 3.65 -46.60 0.23
C ASN A 259 4.72 -46.38 -0.83
N LYS A 260 4.88 -45.11 -1.29
CA LYS A 260 5.74 -44.86 -2.46
C LYS A 260 7.02 -44.04 -2.25
N PHE A 261 7.14 -43.39 -1.10
CA PHE A 261 8.25 -42.47 -0.87
C PHE A 261 8.93 -42.64 0.47
N GLN A 262 8.18 -43.04 1.50
CA GLN A 262 8.69 -43.07 2.89
C GLN A 262 9.88 -44.00 3.15
N ARG A 263 9.89 -45.20 2.58
CA ARG A 263 11.07 -46.02 2.71
C ARG A 263 12.35 -45.39 2.09
N GLY A 264 12.23 -44.81 0.88
CA GLY A 264 13.41 -44.24 0.23
C GLY A 264 13.82 -42.89 0.82
N GLN A 265 12.82 -42.09 1.24
CA GLN A 265 13.09 -40.74 1.70
C GLN A 265 13.16 -40.56 3.23
N GLU A 266 12.46 -41.44 3.96
CA GLU A 266 12.58 -41.51 5.44
C GLU A 266 12.14 -40.24 6.14
N GLY A 267 11.14 -39.57 5.58
CA GLY A 267 10.53 -38.39 6.23
C GLY A 267 9.24 -38.75 6.90
N GLN A 268 8.51 -37.72 7.32
CA GLN A 268 7.21 -37.86 7.99
C GLN A 268 6.13 -37.00 7.33
N ILE A 269 4.89 -37.44 7.43
CA ILE A 269 3.79 -36.66 6.86
C ILE A 269 2.67 -36.55 7.90
N GLY A 270 2.12 -35.36 8.08
CA GLY A 270 0.89 -35.16 8.84
C GLY A 270 0.06 -34.07 8.24
N ILE A 271 -0.58 -33.30 9.10
CA ILE A 271 -1.60 -32.32 8.73
C ILE A 271 -1.71 -31.32 9.90
N SER A 272 -2.10 -30.09 9.56
CA SER A 272 -2.25 -29.00 10.52
C SER A 272 -3.72 -28.63 10.64
N HIS A 273 -4.23 -28.54 11.88
CA HIS A 273 -5.66 -28.22 12.11
C HIS A 273 -5.95 -26.94 12.85
N ALA A 274 -6.96 -26.18 12.40
CA ALA A 274 -7.47 -25.05 13.19
C ALA A 274 -8.05 -25.53 14.53
N THR A 275 -7.63 -24.86 15.61
CA THR A 275 -8.24 -25.09 16.90
C THR A 275 -8.58 -23.74 17.57
N GLN A 276 -9.51 -23.79 18.51
CA GLN A 276 -9.86 -22.70 19.41
C GLN A 276 -10.32 -23.42 20.67
N TRP A 277 -9.82 -23.04 21.84
CA TRP A 277 -10.29 -23.66 23.05
C TRP A 277 -11.75 -23.31 23.33
N MET A 278 -12.55 -24.30 23.72
CA MET A 278 -13.98 -24.16 24.03
C MET A 278 -14.26 -24.48 25.51
N GLU A 279 -14.70 -23.48 26.29
CA GLU A 279 -14.90 -23.62 27.71
C GLU A 279 -16.40 -23.52 28.00
N PRO A 280 -16.93 -24.42 28.85
CA PRO A 280 -18.33 -24.26 29.24
C PRO A 280 -18.57 -22.90 29.91
N TRP A 281 -19.62 -22.20 29.50
CA TRP A 281 -19.88 -20.85 29.99
C TRP A 281 -20.10 -20.87 31.49
N ASP A 282 -20.86 -21.86 31.93
CA ASP A 282 -21.13 -22.13 33.33
C ASP A 282 -20.47 -23.47 33.63
N GLU A 283 -19.41 -23.48 34.44
CA GLU A 283 -18.70 -24.73 34.76
C GLU A 283 -19.63 -25.84 35.36
N ASN A 284 -20.75 -25.45 35.99
CA ASN A 284 -21.67 -26.44 36.63
C ASN A 284 -22.92 -26.80 35.83
N SER A 285 -22.96 -26.41 34.56
CA SER A 285 -24.09 -26.73 33.65
C SER A 285 -23.75 -27.89 32.69
N ALA A 286 -24.32 -29.06 32.96
CA ALA A 286 -24.22 -30.23 32.08
C ALA A 286 -24.43 -29.86 30.60
N SER A 287 -25.40 -28.97 30.36
CA SER A 287 -25.75 -28.47 29.03
C SER A 287 -24.63 -27.66 28.34
N ASP A 288 -23.92 -26.83 29.13
CA ASP A 288 -22.76 -26.08 28.61
C ASP A 288 -21.56 -27.01 28.41
N VAL A 289 -21.37 -27.98 29.31
CA VAL A 289 -20.25 -28.96 29.17
C VAL A 289 -20.39 -29.72 27.84
N GLU A 290 -21.62 -30.16 27.52
CA GLU A 290 -21.91 -30.88 26.25
C GLU A 290 -21.76 -29.95 25.03
N ALA A 291 -22.14 -28.67 25.18
CA ALA A 291 -22.09 -27.67 24.13
C ALA A 291 -20.67 -27.28 23.76
N ALA A 292 -19.80 -27.15 24.78
CA ALA A 292 -18.38 -26.88 24.55
C ALA A 292 -17.73 -28.10 23.84
N ALA A 293 -18.12 -29.30 24.23
CA ALA A 293 -17.62 -30.54 23.61
C ALA A 293 -18.15 -30.66 22.18
N ARG A 294 -19.40 -30.29 21.94
CA ARG A 294 -19.96 -30.27 20.60
C ARG A 294 -19.22 -29.22 19.70
N ALA A 295 -18.89 -28.06 20.24
CA ALA A 295 -18.08 -27.09 19.51
C ALA A 295 -16.70 -27.65 19.15
N LEU A 296 -16.06 -28.35 20.06
CA LEU A 296 -14.83 -29.07 19.73
C LEU A 296 -15.05 -30.11 18.63
N ASP A 297 -16.14 -30.88 18.74
CA ASP A 297 -16.50 -31.82 17.69
C ASP A 297 -16.64 -31.15 16.31
N PHE A 298 -17.35 -30.03 16.22
CA PHE A 298 -17.63 -29.37 14.93
C PHE A 298 -16.43 -28.66 14.33
N MET A 299 -15.47 -28.28 15.17
CA MET A 299 -14.28 -27.63 14.64
C MET A 299 -13.13 -28.58 14.40
N LEU A 300 -12.70 -29.27 15.47
CA LEU A 300 -11.53 -30.14 15.43
C LEU A 300 -11.93 -31.61 15.17
N GLY A 301 -12.99 -32.07 15.83
CA GLY A 301 -13.43 -33.44 15.67
C GLY A 301 -13.80 -33.80 14.23
N TRP A 302 -14.37 -32.82 13.55
CA TRP A 302 -14.74 -32.92 12.15
C TRP A 302 -13.61 -33.56 11.31
N PHE A 303 -12.37 -33.19 11.61
CA PHE A 303 -11.21 -33.64 10.89
C PHE A 303 -10.40 -34.71 11.67
N MET A 304 -10.33 -34.59 12.99
CA MET A 304 -9.58 -35.54 13.83
C MET A 304 -10.21 -36.93 13.97
N GLU A 305 -11.55 -37.02 14.05
CA GLU A 305 -12.19 -38.31 14.29
C GLU A 305 -12.02 -39.20 13.03
N PRO A 306 -12.26 -38.65 11.80
CA PRO A 306 -11.97 -39.44 10.60
C PRO A 306 -10.56 -40.05 10.57
N ILE A 307 -9.53 -39.30 10.97
CA ILE A 307 -8.18 -39.86 10.93
C ILE A 307 -7.86 -40.68 12.16
N THR A 308 -8.83 -40.79 13.07
CA THR A 308 -8.68 -41.60 14.26
C THR A 308 -9.44 -42.94 14.20
N SER A 309 -10.69 -42.89 13.74
CA SER A 309 -11.54 -44.10 13.78
C SER A 309 -12.19 -44.27 12.42
N GLY A 310 -11.92 -43.33 11.53
CA GLY A 310 -12.43 -43.43 10.17
C GLY A 310 -13.89 -43.04 9.99
N ASP A 311 -14.43 -42.21 10.87
CA ASP A 311 -15.78 -41.73 10.80
C ASP A 311 -15.84 -40.35 11.43
N TYR A 312 -16.94 -39.63 11.25
CA TYR A 312 -17.14 -38.32 11.83
C TYR A 312 -17.58 -38.48 13.27
N PRO A 313 -17.46 -37.40 14.08
CA PRO A 313 -17.95 -37.42 15.47
C PRO A 313 -19.46 -37.75 15.56
N LYS A 314 -19.83 -38.56 16.57
CA LYS A 314 -21.23 -38.86 16.90
C LYS A 314 -22.13 -37.60 16.82
N SER A 315 -21.66 -36.49 17.41
CA SER A 315 -22.52 -35.30 17.54
C SER A 315 -22.78 -34.64 16.16
N MET A 316 -21.83 -34.75 15.25
CA MET A 316 -21.99 -34.26 13.88
C MET A 316 -22.96 -35.13 13.07
N LYS A 317 -22.81 -36.44 13.19
CA LYS A 317 -23.79 -37.36 12.63
C LYS A 317 -25.22 -37.08 13.07
N LYS A 318 -25.38 -36.68 14.33
CA LYS A 318 -26.70 -36.55 14.91
C LYS A 318 -27.32 -35.22 14.46
N PHE A 319 -26.54 -34.14 14.53
CA PHE A 319 -26.98 -32.79 14.20
C PHE A 319 -26.94 -32.43 12.69
N VAL A 320 -26.11 -33.12 11.90
CA VAL A 320 -26.05 -32.86 10.47
C VAL A 320 -26.92 -33.86 9.70
N GLY A 321 -26.99 -35.10 10.18
CA GLY A 321 -27.87 -36.13 9.56
C GLY A 321 -27.49 -36.52 8.14
N SER A 322 -28.50 -36.53 7.28
CA SER A 322 -28.35 -36.91 5.85
C SER A 322 -27.46 -35.94 5.02
N ARG A 323 -27.16 -34.77 5.58
CA ARG A 323 -26.29 -33.82 4.90
C ARG A 323 -24.80 -34.10 5.13
N LEU A 324 -24.48 -35.07 5.99
CA LEU A 324 -23.08 -35.44 6.25
C LEU A 324 -22.77 -36.69 5.43
N PRO A 325 -21.80 -36.60 4.49
CA PRO A 325 -21.48 -37.72 3.60
C PRO A 325 -20.93 -38.92 4.39
N LYS A 326 -21.02 -40.10 3.81
CA LYS A 326 -20.56 -41.33 4.48
C LYS A 326 -19.26 -41.76 3.82
N PHE A 327 -18.36 -42.28 4.65
CA PHE A 327 -17.16 -42.88 4.12
C PHE A 327 -17.43 -44.33 3.74
N SER A 328 -16.93 -44.76 2.60
CA SER A 328 -16.95 -46.20 2.26
C SER A 328 -15.98 -46.95 3.21
N PRO A 329 -16.14 -48.30 3.35
CA PRO A 329 -15.18 -49.01 4.23
C PRO A 329 -13.70 -48.86 3.82
N GLU A 330 -13.42 -48.78 2.51
CA GLU A 330 -12.06 -48.58 2.05
CA GLU A 330 -12.05 -48.55 1.98
C GLU A 330 -11.56 -47.17 2.39
N GLN A 331 -12.46 -46.18 2.34
CA GLN A 331 -12.10 -44.80 2.71
C GLN A 331 -11.77 -44.69 4.20
N SER A 332 -12.62 -45.27 5.05
CA SER A 332 -12.40 -45.35 6.48
C SER A 332 -11.08 -45.99 6.81
N LYS A 333 -10.76 -47.11 6.13
CA LYS A 333 -9.50 -47.81 6.42
C LYS A 333 -8.30 -46.93 5.99
N MET A 334 -8.38 -46.30 4.84
CA MET A 334 -7.34 -45.37 4.39
C MET A 334 -7.15 -44.14 5.35
N LEU A 335 -8.25 -43.63 5.95
CA LEU A 335 -8.20 -42.40 6.77
C LEU A 335 -7.72 -42.67 8.18
N LYS A 336 -8.00 -43.86 8.69
CA LYS A 336 -7.70 -44.18 10.06
C LYS A 336 -6.20 -44.34 10.29
N GLY A 337 -5.62 -43.53 11.19
CA GLY A 337 -4.16 -43.53 11.43
C GLY A 337 -3.35 -42.92 10.29
N SER A 338 -3.97 -42.09 9.44
CA SER A 338 -3.26 -41.50 8.29
C SER A 338 -2.40 -40.25 8.62
N TYR A 339 -1.45 -40.42 9.53
CA TYR A 339 -0.55 -39.34 9.86
C TYR A 339 0.63 -39.93 10.63
N ASP A 340 1.79 -39.28 10.51
CA ASP A 340 2.93 -39.53 11.41
C ASP A 340 2.94 -38.53 12.58
N PHE A 341 2.27 -37.39 12.38
CA PHE A 341 2.12 -36.38 13.44
C PHE A 341 0.94 -35.49 13.04
N VAL A 342 0.44 -34.67 13.98
CA VAL A 342 -0.59 -33.70 13.77
C VAL A 342 -0.10 -32.37 14.33
N GLY A 343 -0.24 -31.33 13.54
CA GLY A 343 0.08 -30.00 13.99
C GLY A 343 -1.20 -29.35 14.41
N LEU A 344 -1.14 -28.57 15.49
CA LEU A 344 -2.30 -27.76 15.87
C LEU A 344 -1.99 -26.28 15.78
N ASN A 345 -2.96 -25.54 15.25
CA ASN A 345 -2.89 -24.11 15.21
C ASN A 345 -3.82 -23.54 16.26
N TYR A 346 -3.26 -22.70 17.12
CA TYR A 346 -4.02 -22.10 18.19
C TYR A 346 -3.83 -20.60 18.30
N TYR A 347 -4.94 -19.90 18.50
CA TYR A 347 -4.92 -18.45 18.75
C TYR A 347 -5.67 -18.01 20.01
N THR A 348 -6.85 -18.57 20.21
CA THR A 348 -7.82 -17.94 21.09
C THR A 348 -8.84 -18.94 21.62
N ALA A 349 -9.81 -18.46 22.37
CA ALA A 349 -10.73 -19.32 23.11
C ALA A 349 -12.11 -18.64 23.21
N SER A 350 -13.11 -19.42 23.62
CA SER A 350 -14.45 -18.91 23.78
C SER A 350 -15.17 -19.73 24.86
N TYR A 351 -16.07 -19.09 25.60
CA TYR A 351 -17.10 -19.79 26.34
C TYR A 351 -18.16 -20.28 25.34
N VAL A 352 -18.84 -21.34 25.74
CA VAL A 352 -19.85 -21.98 24.91
C VAL A 352 -21.10 -22.36 25.73
N THR A 353 -22.26 -22.16 25.13
CA THR A 353 -23.54 -22.50 25.72
C THR A 353 -24.41 -23.02 24.58
N ASN A 354 -25.52 -23.70 24.92
CA ASN A 354 -26.43 -24.31 23.95
C ASN A 354 -27.13 -23.19 23.16
N ALA A 355 -27.53 -23.45 21.90
CA ALA A 355 -28.31 -22.46 21.10
C ALA A 355 -29.80 -22.44 21.54
N SER A 356 -30.55 -21.37 21.20
CA SER A 356 -31.96 -21.22 21.68
C SER A 356 -32.98 -22.12 20.99
N ASN A 364 -32.90 -22.44 4.75
CA ASN A 364 -33.00 -23.08 6.08
C ASN A 364 -31.65 -23.58 6.65
N PHE A 365 -31.09 -24.69 6.16
CA PHE A 365 -29.90 -25.30 6.82
C PHE A 365 -28.54 -24.56 6.61
N SER A 366 -27.63 -24.70 7.59
CA SER A 366 -26.33 -24.03 7.57
C SER A 366 -25.34 -24.68 8.56
N TYR A 367 -24.09 -24.85 8.12
CA TYR A 367 -23.05 -25.34 9.02
C TYR A 367 -23.08 -24.56 10.34
N ASN A 368 -23.22 -23.25 10.29
CA ASN A 368 -23.07 -22.44 11.49
C ASN A 368 -24.18 -22.73 12.49
N THR A 369 -25.38 -23.05 11.97
CA THR A 369 -26.46 -23.33 12.86
C THR A 369 -26.50 -24.81 13.26
N ASP A 370 -25.97 -25.71 12.42
CA ASP A 370 -25.88 -27.14 12.79
C ASP A 370 -25.12 -27.40 14.11
N ILE A 371 -24.14 -26.55 14.45
CA ILE A 371 -23.34 -26.73 15.67
C ILE A 371 -24.24 -26.64 16.89
N HIS A 372 -25.35 -25.91 16.79
CA HIS A 372 -26.28 -25.70 17.89
C HIS A 372 -25.63 -25.23 19.18
N VAL A 373 -24.71 -24.28 19.04
CA VAL A 373 -24.14 -23.59 20.16
C VAL A 373 -24.23 -22.07 19.97
N THR A 374 -24.12 -21.33 21.07
CA THR A 374 -23.90 -19.87 21.04
C THR A 374 -22.57 -19.64 21.72
N TYR A 375 -21.68 -18.91 21.05
CA TYR A 375 -20.41 -18.46 21.65
C TYR A 375 -20.59 -17.22 22.54
N GLU A 376 -19.83 -17.17 23.62
CA GLU A 376 -19.92 -16.05 24.58
C GLU A 376 -18.52 -15.61 24.97
N THR A 377 -18.27 -14.31 25.06
CA THR A 377 -16.90 -13.86 25.28
C THR A 377 -16.67 -13.54 26.76
N ASP A 378 -17.77 -13.31 27.51
CA ASP A 378 -17.75 -12.79 28.91
C ASP A 378 -18.51 -13.63 29.92
N ARG A 379 -18.00 -13.66 31.16
CA ARG A 379 -18.76 -14.11 32.33
C ARG A 379 -18.95 -12.90 33.18
N ASN A 380 -20.18 -12.42 33.29
CA ASN A 380 -20.45 -11.33 34.24
C ASN A 380 -19.59 -10.08 33.92
N GLY A 381 -19.49 -9.75 32.63
CA GLY A 381 -18.72 -8.59 32.18
C GLY A 381 -17.21 -8.76 32.20
N VAL A 382 -16.68 -9.95 32.56
CA VAL A 382 -15.25 -10.27 32.42
C VAL A 382 -15.00 -11.12 31.17
N PRO A 383 -14.35 -10.54 30.13
CA PRO A 383 -13.95 -11.31 28.92
C PRO A 383 -12.99 -12.44 29.29
N ILE A 384 -13.02 -13.54 28.54
CA ILE A 384 -12.13 -14.65 28.76
C ILE A 384 -10.65 -14.21 28.65
N GLY A 385 -10.37 -13.26 27.75
CA GLY A 385 -9.06 -12.64 27.62
C GLY A 385 -9.14 -11.25 27.03
N PRO A 386 -8.07 -10.43 27.18
CA PRO A 386 -8.09 -9.12 26.48
C PRO A 386 -7.92 -9.29 24.97
N GLN A 387 -8.42 -8.35 24.18
CA GLN A 387 -8.23 -8.35 22.74
C GLN A 387 -6.80 -8.04 22.31
N SER A 388 -6.37 -8.66 21.22
CA SER A 388 -5.18 -8.22 20.50
C SER A 388 -5.52 -7.00 19.61
N GLY A 389 -4.82 -6.87 18.48
CA GLY A 389 -5.21 -5.88 17.48
C GLY A 389 -6.55 -6.22 16.77
N SER A 390 -7.02 -7.48 16.95
CA SER A 390 -8.25 -8.00 16.32
C SER A 390 -9.33 -8.29 17.36
N ASP A 391 -10.58 -7.99 17.06
CA ASP A 391 -11.55 -8.15 18.15
C ASP A 391 -11.97 -9.59 18.41
N TRP A 392 -11.75 -10.49 17.44
CA TRP A 392 -11.99 -11.93 17.61
C TRP A 392 -10.86 -12.68 18.36
N LEU A 393 -9.68 -12.05 18.54
CA LEU A 393 -8.57 -12.75 19.19
C LEU A 393 -8.45 -12.28 20.64
N LEU A 394 -9.03 -13.09 21.51
CA LEU A 394 -8.97 -12.85 22.96
C LEU A 394 -7.81 -13.70 23.51
N ILE A 395 -6.88 -13.05 24.19
CA ILE A 395 -5.66 -13.71 24.65
C ILE A 395 -5.91 -14.58 25.89
N TYR A 396 -5.86 -15.89 25.69
CA TYR A 396 -6.11 -16.82 26.77
C TYR A 396 -5.07 -17.93 26.66
N PRO A 397 -3.88 -17.73 27.27
CA PRO A 397 -2.76 -18.67 27.08
C PRO A 397 -3.03 -20.12 27.58
N GLU A 398 -3.85 -20.28 28.62
CA GLU A 398 -4.22 -21.60 29.16
C GLU A 398 -4.89 -22.50 28.09
N GLY A 399 -5.50 -21.84 27.09
CA GLY A 399 -6.26 -22.56 26.08
C GLY A 399 -5.41 -23.48 25.22
N ILE A 400 -4.13 -23.10 24.98
CA ILE A 400 -3.23 -23.92 24.16
C ILE A 400 -2.87 -25.18 24.93
N ARG A 401 -2.64 -25.03 26.23
CA ARG A 401 -2.54 -26.18 27.14
C ARG A 401 -3.80 -27.08 27.17
N LYS A 402 -4.98 -26.52 27.38
CA LYS A 402 -6.19 -27.36 27.37
C LYS A 402 -6.40 -28.07 26.01
N ILE A 403 -6.13 -27.39 24.90
CA ILE A 403 -6.32 -27.98 23.55
C ILE A 403 -5.33 -29.09 23.24
N LEU A 404 -4.08 -28.95 23.69
CA LEU A 404 -3.10 -30.06 23.68
C LEU A 404 -3.57 -31.26 24.54
N VAL A 405 -3.98 -31.01 25.77
CA VAL A 405 -4.38 -32.07 26.67
C VAL A 405 -5.62 -32.77 26.08
N TYR A 406 -6.54 -31.96 25.58
CA TYR A 406 -7.75 -32.47 24.98
C TYR A 406 -7.47 -33.38 23.77
N THR A 407 -6.54 -32.97 22.91
CA THR A 407 -6.21 -33.73 21.72
C THR A 407 -5.57 -35.09 22.05
N LYS A 408 -4.71 -35.14 23.07
CA LYS A 408 -4.12 -36.40 23.47
C LYS A 408 -5.18 -37.30 24.09
N LYS A 409 -6.03 -36.72 24.93
CA LYS A 409 -7.08 -37.47 25.61
C LYS A 409 -8.09 -38.10 24.63
N THR A 410 -8.52 -37.33 23.64
CA THR A 410 -9.65 -37.69 22.81
C THR A 410 -9.19 -38.51 21.60
N TYR A 411 -8.06 -38.13 21.03
CA TYR A 411 -7.62 -38.67 19.78
C TYR A 411 -6.34 -39.48 19.89
N ASN A 412 -5.68 -39.42 21.06
CA ASN A 412 -4.51 -40.26 21.31
C ASN A 412 -3.38 -40.17 20.26
N VAL A 413 -3.11 -38.95 19.84
CA VAL A 413 -2.10 -38.60 18.86
C VAL A 413 -0.72 -38.86 19.46
N PRO A 414 0.10 -39.76 18.86
CA PRO A 414 1.41 -39.96 19.53
C PRO A 414 2.38 -38.75 19.42
N LEU A 415 2.29 -37.95 18.36
CA LEU A 415 3.28 -36.87 18.08
C LEU A 415 2.54 -35.64 17.66
N ILE A 416 2.73 -34.55 18.40
CA ILE A 416 2.00 -33.32 18.15
C ILE A 416 3.02 -32.18 17.99
N TYR A 417 2.79 -31.29 17.05
CA TYR A 417 3.51 -30.02 16.96
C TYR A 417 2.49 -28.91 17.14
N VAL A 418 2.90 -27.81 17.73
CA VAL A 418 2.17 -26.57 17.55
C VAL A 418 2.68 -25.99 16.23
N THR A 419 1.86 -26.07 15.21
CA THR A 419 2.25 -25.57 13.91
C THR A 419 1.97 -24.07 13.69
N GLU A 420 1.16 -23.44 14.55
CA GLU A 420 0.90 -21.99 14.49
C GLU A 420 0.45 -21.52 15.84
N ASN A 421 1.02 -20.42 16.30
CA ASN A 421 0.56 -19.71 17.47
C ASN A 421 1.14 -18.30 17.38
N GLY A 422 0.31 -17.28 17.52
CA GLY A 422 0.80 -15.92 17.31
C GLY A 422 -0.30 -14.94 17.57
N VAL A 423 0.01 -13.66 17.45
CA VAL A 423 -0.95 -12.57 17.84
C VAL A 423 -0.65 -11.37 16.94
N ASP A 424 -1.63 -10.49 16.72
CA ASP A 424 -1.47 -9.35 15.78
C ASP A 424 -1.38 -8.03 16.51
N ASP A 425 -0.55 -7.15 15.98
CA ASP A 425 -0.38 -5.80 16.53
C ASP A 425 -1.62 -4.98 16.37
N VAL A 426 -1.87 -4.12 17.37
CA VAL A 426 -2.84 -3.06 17.28
C VAL A 426 -2.61 -2.24 15.95
N LYS A 427 -3.68 -1.93 15.25
CA LYS A 427 -3.60 -1.17 13.97
C LYS A 427 -3.19 0.28 14.23
N ASN A 428 -2.06 0.72 13.69
CA ASN A 428 -1.57 2.09 13.91
C ASN A 428 -0.57 2.48 12.83
N THR A 429 -0.98 3.33 11.90
CA THR A 429 -0.07 3.86 10.89
C THR A 429 0.74 5.12 11.33
N ASN A 430 0.59 5.55 12.59
CA ASN A 430 1.23 6.74 13.16
C ASN A 430 2.56 6.48 13.89
N LEU A 431 2.93 5.21 13.99
CA LEU A 431 4.13 4.82 14.68
C LEU A 431 5.36 4.84 13.75
N THR A 432 6.46 5.42 14.22
CA THR A 432 7.74 5.20 13.58
C THR A 432 8.24 3.76 13.87
N LEU A 433 9.24 3.34 13.11
CA LEU A 433 9.81 2.00 13.26
C LEU A 433 10.32 1.68 14.71
N SER A 434 11.01 2.59 15.42
CA SER A 434 11.44 2.23 16.80
C SER A 434 10.26 1.88 17.71
N GLU A 435 9.11 2.55 17.51
CA GLU A 435 7.90 2.30 18.29
C GLU A 435 7.17 1.00 17.84
N ALA A 436 7.01 0.82 16.52
CA ALA A 436 6.27 -0.30 15.95
C ALA A 436 6.94 -1.62 16.22
N ARG A 437 8.27 -1.60 16.38
CA ARG A 437 9.01 -2.83 16.60
C ARG A 437 9.01 -3.28 18.08
N LYS A 438 8.49 -2.47 19.01
CA LYS A 438 8.41 -2.87 20.42
C LYS A 438 7.09 -3.58 20.64
N ASP A 439 7.01 -4.83 20.22
CA ASP A 439 5.78 -5.57 20.33
C ASP A 439 5.73 -6.31 21.69
N SER A 440 5.58 -5.52 22.77
CA SER A 440 5.44 -6.01 24.16
C SER A 440 4.35 -7.05 24.28
N MET A 441 3.17 -6.72 23.75
CA MET A 441 2.05 -7.66 23.80
C MET A 441 2.34 -9.01 23.11
N ARG A 442 2.98 -9.01 21.92
CA ARG A 442 3.38 -10.27 21.26
C ARG A 442 4.44 -11.05 22.04
N LEU A 443 5.41 -10.33 22.58
CA LEU A 443 6.44 -10.94 23.38
C LEU A 443 5.81 -11.69 24.57
N LYS A 444 4.89 -11.02 25.26
CA LYS A 444 4.20 -11.65 26.39
C LYS A 444 3.30 -12.80 25.93
N TYR A 445 2.69 -12.63 24.77
CA TYR A 445 1.78 -13.63 24.23
C TYR A 445 2.53 -14.94 23.93
N LEU A 446 3.68 -14.84 23.26
CA LEU A 446 4.53 -15.98 22.94
C LEU A 446 5.07 -16.66 24.22
N GLN A 447 5.65 -15.87 25.12
CA GLN A 447 6.17 -16.38 26.39
C GLN A 447 5.10 -17.18 27.09
N ASP A 448 3.89 -16.60 27.20
CA ASP A 448 2.79 -17.22 27.94
C ASP A 448 2.30 -18.50 27.29
N HIS A 449 2.24 -18.49 25.96
CA HIS A 449 1.76 -19.65 25.22
C HIS A 449 2.78 -20.78 25.21
N ILE A 450 4.05 -20.40 25.05
CA ILE A 450 5.11 -21.38 25.08
C ILE A 450 5.23 -22.04 26.47
N PHE A 451 5.07 -21.22 27.52
CA PHE A 451 4.98 -21.69 28.90
C PHE A 451 3.85 -22.71 28.98
N ASN A 452 2.69 -22.42 28.38
CA ASN A 452 1.59 -23.38 28.44
C ASN A 452 1.82 -24.68 27.67
N VAL A 453 2.47 -24.60 26.51
CA VAL A 453 2.93 -25.79 25.77
C VAL A 453 3.79 -26.68 26.72
N ARG A 454 4.82 -26.12 27.34
CA ARG A 454 5.61 -26.81 28.39
C ARG A 454 4.71 -27.41 29.46
N GLN A 455 3.68 -26.69 29.91
CA GLN A 455 2.77 -27.26 30.94
C GLN A 455 2.07 -28.52 30.40
N ALA A 456 1.59 -28.43 29.16
CA ALA A 456 0.93 -29.56 28.53
C ALA A 456 1.90 -30.76 28.40
N MET A 457 3.17 -30.50 28.08
CA MET A 457 4.19 -31.56 28.08
C MET A 457 4.36 -32.17 29.46
N ASN A 458 4.26 -31.38 30.53
CA ASN A 458 4.29 -32.00 31.87
C ASN A 458 3.03 -32.83 32.17
N ASP A 459 1.91 -32.51 31.51
CA ASP A 459 0.68 -33.27 31.67
C ASP A 459 0.71 -34.57 30.88
N GLY A 460 1.71 -34.76 29.99
CA GLY A 460 1.90 -36.04 29.25
C GLY A 460 1.77 -35.88 27.74
N VAL A 461 1.56 -34.66 27.29
CA VAL A 461 1.41 -34.46 25.87
C VAL A 461 2.80 -34.47 25.20
N ASN A 462 2.94 -35.34 24.21
CA ASN A 462 4.19 -35.47 23.51
C ASN A 462 4.23 -34.43 22.37
N VAL A 463 4.56 -33.18 22.72
CA VAL A 463 4.74 -32.10 21.75
C VAL A 463 6.19 -32.14 21.30
N LYS A 464 6.42 -32.12 20.00
CA LYS A 464 7.77 -32.25 19.43
C LYS A 464 8.36 -30.92 18.93
N GLY A 465 7.54 -29.87 18.86
CA GLY A 465 7.99 -28.60 18.29
C GLY A 465 6.93 -27.53 18.35
N TYR A 466 7.32 -26.28 18.14
CA TYR A 466 6.40 -25.16 18.24
C TYR A 466 6.79 -24.17 17.17
N PHE A 467 5.82 -23.77 16.36
CA PHE A 467 6.08 -22.76 15.36
C PHE A 467 5.28 -21.48 15.60
N ALA A 468 5.96 -20.35 15.83
CA ALA A 468 5.23 -19.08 15.90
C ALA A 468 4.63 -18.72 14.54
N TRP A 469 3.49 -18.05 14.54
CA TRP A 469 2.94 -17.50 13.30
C TRP A 469 2.94 -16.01 13.56
N SER A 470 3.50 -15.16 12.66
CA SER A 470 4.20 -15.56 11.45
C SER A 470 5.63 -15.04 11.49
N LEU A 471 6.49 -15.50 10.59
CA LEU A 471 7.81 -14.90 10.53
C LEU A 471 7.71 -13.43 10.11
N LEU A 472 6.94 -13.16 9.04
CA LEU A 472 6.82 -11.81 8.46
C LEU A 472 5.41 -11.28 8.59
N ASP A 473 5.28 -9.99 8.85
CA ASP A 473 3.98 -9.36 8.58
C ASP A 473 3.64 -9.72 7.13
N ASN A 474 2.37 -9.98 6.85
CA ASN A 474 2.00 -10.47 5.52
C ASN A 474 0.52 -10.22 5.20
N PHE A 475 0.05 -10.78 4.09
CA PHE A 475 -1.32 -10.62 3.64
C PHE A 475 -2.26 -11.42 4.52
N GLU A 476 -3.10 -10.75 5.32
CA GLU A 476 -3.89 -11.48 6.29
C GLU A 476 -5.29 -11.72 5.71
N TRP A 477 -5.30 -12.40 4.56
CA TRP A 477 -6.53 -12.78 3.88
C TRP A 477 -7.60 -11.64 3.79
N GLY A 478 -8.81 -11.87 4.28
CA GLY A 478 -9.95 -10.90 4.21
C GLY A 478 -9.61 -9.59 4.88
N GLU A 479 -8.58 -9.62 5.74
CA GLU A 479 -8.16 -8.42 6.47
C GLU A 479 -7.05 -7.65 5.76
N GLY A 480 -6.52 -8.19 4.66
CA GLY A 480 -5.43 -7.52 3.95
C GLY A 480 -4.18 -7.28 4.79
N TYR A 481 -3.50 -6.15 4.59
CA TYR A 481 -2.15 -5.99 5.16
C TYR A 481 -2.10 -5.31 6.53
N GLY A 482 -3.21 -4.73 6.96
CA GLY A 482 -3.30 -3.92 8.19
C GLY A 482 -3.14 -4.76 9.45
N VAL A 483 -3.41 -6.05 9.31
CA VAL A 483 -3.25 -6.97 10.44
C VAL A 483 -1.83 -7.60 10.47
N ARG A 484 -0.99 -7.16 11.41
CA ARG A 484 0.42 -7.60 11.45
C ARG A 484 0.70 -8.73 12.47
N PHE A 485 1.07 -9.91 11.96
CA PHE A 485 1.29 -11.09 12.82
C PHE A 485 2.75 -11.41 12.95
N GLY A 486 3.59 -10.71 12.21
CA GLY A 486 5.02 -11.07 12.14
C GLY A 486 5.85 -10.86 13.39
N ILE A 487 6.89 -11.66 13.56
CA ILE A 487 7.92 -11.30 14.51
C ILE A 487 8.93 -10.42 13.83
N ILE A 488 8.81 -10.34 12.51
CA ILE A 488 9.62 -9.44 11.68
C ILE A 488 8.68 -8.41 11.05
N HIS A 489 9.02 -7.15 11.25
CA HIS A 489 8.22 -6.06 10.75
C HIS A 489 8.48 -5.87 9.24
N ILE A 490 7.42 -5.52 8.51
CA ILE A 490 7.51 -5.21 7.08
C ILE A 490 7.19 -3.72 6.84
N ASP A 491 8.05 -3.04 6.12
CA ASP A 491 7.75 -1.63 5.78
C ASP A 491 7.11 -1.59 4.38
N TYR A 492 5.77 -1.50 4.35
CA TYR A 492 4.99 -1.49 3.09
C TYR A 492 5.25 -0.25 2.24
N ASN A 493 5.89 0.75 2.82
CA ASN A 493 6.19 1.98 2.07
C ASN A 493 7.51 1.91 1.33
N ASP A 494 8.33 0.89 1.67
CA ASP A 494 9.69 0.77 1.13
C ASP A 494 10.13 -0.64 0.70
N ASN A 495 9.54 -1.17 -0.36
CA ASN A 495 9.94 -2.47 -0.86
C ASN A 495 9.96 -3.55 0.21
N PHE A 496 8.99 -3.48 1.13
CA PHE A 496 8.73 -4.53 2.13
C PHE A 496 9.98 -4.82 2.97
N ALA A 497 10.74 -3.77 3.31
CA ALA A 497 11.98 -3.88 4.11
C ALA A 497 11.63 -4.64 5.40
N ARG A 498 12.47 -5.61 5.76
CA ARG A 498 12.32 -6.39 6.98
C ARG A 498 13.11 -5.75 8.11
N TYR A 499 12.52 -5.76 9.30
CA TYR A 499 13.23 -5.36 10.49
C TYR A 499 12.74 -6.21 11.70
N PRO A 500 13.66 -6.85 12.44
CA PRO A 500 13.15 -7.67 13.57
C PRO A 500 12.43 -6.90 14.69
N LYS A 501 11.31 -7.42 15.17
CA LYS A 501 10.62 -6.91 16.35
C LYS A 501 11.32 -7.45 17.59
N ASP A 502 11.05 -6.85 18.74
CA ASP A 502 11.60 -7.37 19.99
C ASP A 502 11.28 -8.86 20.17
N SER A 503 10.10 -9.31 19.72
CA SER A 503 9.77 -10.73 19.86
C SER A 503 10.77 -11.62 19.11
N ALA A 504 11.22 -11.22 17.91
CA ALA A 504 12.20 -12.02 17.16
C ALA A 504 13.49 -12.10 17.96
N VAL A 505 13.96 -10.94 18.47
CA VAL A 505 15.21 -10.88 19.23
C VAL A 505 15.16 -11.82 20.45
N TRP A 506 14.06 -11.78 21.19
CA TRP A 506 13.88 -12.66 22.35
C TRP A 506 13.83 -14.18 21.95
N LEU A 507 13.18 -14.50 20.83
CA LEU A 507 13.19 -15.87 20.31
C LEU A 507 14.62 -16.38 20.04
N MET A 508 15.40 -15.62 19.26
CA MET A 508 16.81 -15.91 19.07
C MET A 508 17.56 -16.09 20.41
N ASN A 509 17.44 -15.10 21.30
CA ASN A 509 18.23 -15.10 22.53
C ASN A 509 17.88 -16.27 23.45
N SER A 510 16.60 -16.57 23.51
CA SER A 510 16.07 -17.56 24.41
C SER A 510 16.08 -18.98 23.85
N PHE A 511 16.05 -19.14 22.53
CA PHE A 511 15.85 -20.46 21.90
C PHE A 511 16.93 -20.88 20.89
N HIS A 512 17.84 -19.98 20.53
CA HIS A 512 18.86 -20.38 19.58
C HIS A 512 19.84 -21.37 20.18
N LYS A 513 19.95 -22.51 19.47
CA LYS A 513 21.08 -23.48 19.38
C LYS A 513 20.84 -24.74 20.17
N ASP B 13 -20.02 23.39 -27.62
CA ASP B 13 -19.81 21.97 -27.10
C ASP B 13 -18.33 21.59 -26.76
N ALA B 14 -18.10 21.40 -25.46
CA ALA B 14 -16.76 21.19 -24.97
C ALA B 14 -16.30 19.76 -25.26
N THR B 15 -17.24 18.82 -25.44
CA THR B 15 -16.87 17.43 -25.76
C THR B 15 -16.12 17.27 -27.09
N ARG B 16 -16.27 18.29 -27.93
CA ARG B 16 -15.66 18.31 -29.25
C ARG B 16 -14.30 19.04 -29.32
N ILE B 17 -13.84 19.65 -28.22
CA ILE B 17 -12.58 20.41 -28.23
C ILE B 17 -11.41 19.51 -28.68
N SER B 18 -10.51 20.04 -29.48
CA SER B 18 -9.42 19.24 -30.07
C SER B 18 -8.28 20.14 -30.55
N ARG B 19 -7.18 19.54 -30.99
CA ARG B 19 -6.01 20.29 -31.39
C ARG B 19 -6.31 21.26 -32.55
N SER B 20 -7.38 21.04 -33.28
CA SER B 20 -7.67 21.87 -34.43
C SER B 20 -8.42 23.14 -34.01
N ASP B 21 -8.75 23.25 -32.72
CA ASP B 21 -9.25 24.52 -32.16
C ASP B 21 -8.14 25.44 -31.64
N PHE B 22 -6.88 25.02 -31.74
CA PHE B 22 -5.75 25.76 -31.18
C PHE B 22 -4.72 26.04 -32.26
N PRO B 23 -3.81 27.03 -32.04
CA PRO B 23 -2.78 27.24 -33.10
C PRO B 23 -1.91 25.98 -33.29
N ALA B 24 -1.36 25.81 -34.49
CA ALA B 24 -0.59 24.61 -34.80
C ALA B 24 0.58 24.40 -33.87
N ASP B 25 1.09 25.44 -33.22
CA ASP B 25 2.25 25.32 -32.35
C ASP B 25 1.87 25.29 -30.84
N PHE B 26 0.59 25.16 -30.54
CA PHE B 26 0.13 25.19 -29.17
C PHE B 26 0.66 23.94 -28.50
N ILE B 27 1.19 24.07 -27.30
CA ILE B 27 1.83 22.93 -26.63
C ILE B 27 0.86 22.17 -25.69
N MET B 28 0.75 20.87 -25.87
CA MET B 28 -0.08 20.03 -24.97
C MET B 28 0.83 19.12 -24.16
N GLY B 29 0.51 18.89 -22.89
CA GLY B 29 1.37 18.04 -22.09
C GLY B 29 0.71 17.55 -20.84
N THR B 30 1.51 16.85 -20.02
CA THR B 30 1.12 16.29 -18.71
C THR B 30 2.27 16.54 -17.74
N GLY B 31 2.05 16.30 -16.44
CA GLY B 31 3.06 16.63 -15.45
C GLY B 31 3.16 15.66 -14.28
N SER B 32 4.24 15.87 -13.51
CA SER B 32 4.63 15.14 -12.32
C SER B 32 5.56 16.05 -11.50
N SER B 33 5.88 15.67 -10.27
CA SER B 33 6.98 16.28 -9.52
C SER B 33 7.82 15.18 -8.94
N ALA B 34 9.06 15.47 -8.61
CA ALA B 34 10.01 14.42 -8.25
C ALA B 34 9.58 13.59 -7.05
N TYR B 35 9.15 14.24 -5.94
CA TYR B 35 8.87 13.49 -4.74
C TYR B 35 7.63 12.63 -4.92
N GLN B 36 6.71 13.10 -5.77
CA GLN B 36 5.43 12.44 -5.95
C GLN B 36 5.49 11.18 -6.77
N ILE B 37 6.46 11.06 -7.67
CA ILE B 37 6.49 9.90 -8.57
C ILE B 37 7.80 9.11 -8.45
N GLU B 38 8.94 9.78 -8.22
CA GLU B 38 10.24 9.07 -8.38
C GLU B 38 10.48 7.82 -7.53
N GLY B 39 10.23 7.89 -6.24
CA GLY B 39 10.75 6.86 -5.37
C GLY B 39 12.26 6.84 -5.43
N GLY B 40 12.88 5.68 -5.31
CA GLY B 40 14.32 5.66 -5.16
C GLY B 40 14.84 6.75 -4.24
N ALA B 41 14.16 6.98 -3.11
CA ALA B 41 14.45 8.10 -2.20
C ALA B 41 15.83 7.96 -1.61
N ARG B 42 16.33 6.74 -1.48
CA ARG B 42 17.73 6.54 -1.02
C ARG B 42 18.54 5.75 -2.03
N ASP B 43 18.12 5.76 -3.30
CA ASP B 43 18.82 5.02 -4.37
C ASP B 43 19.62 6.00 -5.14
N GLY B 44 20.70 5.53 -5.76
CA GLY B 44 21.51 6.30 -6.66
C GLY B 44 22.09 7.56 -6.05
N GLY B 45 22.42 7.54 -4.79
CA GLY B 45 23.04 8.72 -4.18
C GLY B 45 22.14 9.78 -3.63
N ARG B 46 20.82 9.67 -3.79
CA ARG B 46 19.94 10.80 -3.35
C ARG B 46 20.02 11.07 -1.86
N GLY B 47 20.05 12.34 -1.52
CA GLY B 47 19.98 12.74 -0.10
C GLY B 47 18.54 13.03 0.29
N PRO B 48 18.24 13.08 1.60
CA PRO B 48 16.83 13.29 1.98
C PRO B 48 16.34 14.71 1.70
N SER B 49 15.05 14.86 1.44
CA SER B 49 14.41 16.19 1.37
C SER B 49 13.55 16.34 2.63
N ILE B 50 13.02 17.56 2.83
CA ILE B 50 12.16 17.82 4.00
C ILE B 50 10.89 16.98 3.97
N TRP B 51 10.49 16.50 2.81
CA TRP B 51 9.33 15.64 2.71
C TRP B 51 9.57 14.17 3.10
N ASP B 52 10.81 13.68 2.91
CA ASP B 52 11.23 12.39 3.39
C ASP B 52 11.12 12.47 4.92
N THR B 53 11.71 13.51 5.49
CA THR B 53 11.74 13.71 6.92
C THR B 53 10.35 13.85 7.54
N PHE B 54 9.52 14.70 6.93
CA PHE B 54 8.17 14.95 7.41
C PHE B 54 7.33 13.62 7.44
N THR B 55 7.32 12.89 6.31
CA THR B 55 6.52 11.67 6.22
C THR B 55 7.11 10.58 7.10
N HIS B 56 8.43 10.63 7.37
CA HIS B 56 9.11 9.61 8.19
C HIS B 56 8.90 9.80 9.65
N ARG B 57 9.11 11.03 10.11
CA ARG B 57 8.97 11.36 11.54
C ARG B 57 7.55 11.69 11.98
N ARG B 58 6.72 12.11 11.03
CA ARG B 58 5.37 12.58 11.34
C ARG B 58 4.34 11.89 10.44
N PRO B 59 4.35 10.55 10.44
CA PRO B 59 3.40 9.87 9.52
C PRO B 59 1.93 10.17 9.84
N ASP B 60 1.59 10.61 11.06
CA ASP B 60 0.22 11.01 11.36
C ASP B 60 -0.28 12.19 10.55
N MET B 61 0.63 12.91 9.85
CA MET B 61 0.26 14.06 9.01
C MET B 61 -0.14 13.64 7.62
N ILE B 62 0.00 12.34 7.34
CA ILE B 62 -0.28 11.77 6.02
C ILE B 62 -1.42 10.74 6.13
N ARG B 63 -2.47 10.92 5.32
CA ARG B 63 -3.56 9.94 5.27
C ARG B 63 -2.98 8.57 4.87
N GLY B 64 -3.19 7.58 5.74
CA GLY B 64 -2.59 6.23 5.59
C GLY B 64 -1.16 6.06 6.16
N GLY B 65 -0.57 7.14 6.68
CA GLY B 65 0.83 7.15 7.19
C GLY B 65 1.92 6.84 6.16
N THR B 66 1.65 7.07 4.86
CA THR B 66 2.56 6.65 3.79
C THR B 66 3.61 7.74 3.44
N ASN B 67 4.50 7.44 2.54
CA ASN B 67 5.59 8.30 2.15
C ASN B 67 6.02 8.03 0.70
N GLY B 68 6.99 8.84 0.22
CA GLY B 68 7.50 8.70 -1.14
C GLY B 68 8.83 7.93 -1.23
N ASP B 69 9.14 7.05 -0.26
CA ASP B 69 10.32 6.20 -0.43
C ASP B 69 10.33 5.51 -1.81
N VAL B 70 9.17 5.01 -2.23
CA VAL B 70 9.00 4.29 -3.50
C VAL B 70 8.05 5.03 -4.46
N ALA B 71 7.07 5.77 -3.89
CA ALA B 71 6.08 6.51 -4.66
C ALA B 71 5.50 5.59 -5.76
N VAL B 72 5.62 5.96 -7.04
CA VAL B 72 5.21 5.06 -8.10
C VAL B 72 6.41 4.59 -8.92
N ASP B 73 7.58 4.77 -8.32
CA ASP B 73 8.85 4.14 -8.78
C ASP B 73 9.31 4.57 -10.17
N SER B 74 8.94 5.77 -10.57
CA SER B 74 9.40 6.36 -11.84
C SER B 74 10.93 6.50 -11.94
N TYR B 75 11.64 6.55 -10.81
CA TYR B 75 13.10 6.48 -10.82
C TYR B 75 13.61 5.24 -11.58
N HIS B 76 13.08 4.06 -11.24
CA HIS B 76 13.48 2.81 -11.93
C HIS B 76 12.69 2.57 -13.21
N LEU B 77 11.44 3.10 -13.28
CA LEU B 77 10.49 2.80 -14.34
C LEU B 77 10.42 3.90 -15.41
N TYR B 78 11.42 4.78 -15.42
CA TYR B 78 11.41 5.94 -16.31
C TYR B 78 11.18 5.56 -17.77
N LYS B 79 11.75 4.44 -18.20
CA LYS B 79 11.60 4.04 -19.63
C LYS B 79 10.17 3.62 -19.93
N GLU B 80 9.52 3.06 -18.93
CA GLU B 80 8.14 2.67 -19.05
C GLU B 80 7.28 3.96 -19.10
N ASP B 81 7.59 4.97 -18.26
CA ASP B 81 6.89 6.29 -18.33
C ASP B 81 7.06 6.98 -19.70
N VAL B 82 8.28 7.03 -20.20
CA VAL B 82 8.56 7.51 -21.55
C VAL B 82 7.74 6.76 -22.63
N ASN B 83 7.63 5.43 -22.48
CA ASN B 83 6.85 4.65 -23.41
C ASN B 83 5.36 5.03 -23.32
N ILE B 84 4.85 5.19 -22.10
CA ILE B 84 3.51 5.75 -21.92
C ILE B 84 3.34 7.14 -22.56
N LEU B 85 4.31 8.04 -22.38
CA LEU B 85 4.24 9.37 -22.90
C LEU B 85 4.26 9.37 -24.44
N LYS B 86 5.04 8.48 -25.04
CA LYS B 86 5.08 8.33 -26.50
C LYS B 86 3.70 7.86 -27.03
N ASN B 87 3.13 6.82 -26.41
CA ASN B 87 1.82 6.33 -26.77
C ASN B 87 0.72 7.42 -26.60
N LEU B 88 0.82 8.18 -25.51
CA LEU B 88 -0.12 9.25 -25.26
C LEU B 88 -0.05 10.34 -26.36
N GLY B 89 1.15 10.68 -26.83
CA GLY B 89 1.31 11.43 -28.08
C GLY B 89 1.25 12.94 -27.95
N LEU B 90 1.27 13.49 -26.74
CA LEU B 90 1.36 14.96 -26.52
C LEU B 90 2.83 15.46 -26.71
N ASP B 91 3.01 16.73 -27.08
CA ASP B 91 4.31 17.38 -27.43
C ASP B 91 5.24 17.53 -26.26
N ALA B 92 4.76 17.56 -25.04
CA ALA B 92 5.57 18.07 -23.94
C ALA B 92 5.31 17.28 -22.67
N TYR B 93 6.26 17.35 -21.74
CA TYR B 93 6.12 16.68 -20.46
C TYR B 93 6.82 17.53 -19.40
N ARG B 94 6.08 17.85 -18.35
CA ARG B 94 6.54 18.74 -17.31
C ARG B 94 6.93 17.88 -16.11
N PHE B 95 8.15 18.00 -15.63
CA PHE B 95 8.57 17.24 -14.44
C PHE B 95 9.52 18.14 -13.65
N SER B 96 9.86 17.76 -12.44
CA SER B 96 10.81 18.53 -11.65
C SER B 96 12.06 17.68 -11.31
N ILE B 97 13.12 18.36 -10.94
CA ILE B 97 14.34 17.76 -10.57
C ILE B 97 14.38 17.78 -9.05
N SER B 98 14.80 16.66 -8.46
CA SER B 98 14.89 16.61 -7.01
C SER B 98 16.27 17.19 -6.67
N TRP B 99 16.26 18.38 -6.06
CA TRP B 99 17.46 19.06 -5.60
C TRP B 99 18.44 18.11 -4.85
N SER B 100 17.93 17.32 -3.91
CA SER B 100 18.82 16.48 -3.10
C SER B 100 19.15 15.17 -3.78
N ARG B 101 18.59 14.94 -4.97
CA ARG B 101 19.12 13.85 -5.79
C ARG B 101 20.41 14.28 -6.52
N VAL B 102 20.50 15.51 -7.00
CA VAL B 102 21.73 15.92 -7.72
C VAL B 102 22.74 16.53 -6.74
N LEU B 103 22.24 17.12 -5.66
CA LEU B 103 23.11 17.71 -4.62
C LEU B 103 22.68 17.18 -3.25
N PRO B 104 23.20 16.02 -2.84
CA PRO B 104 22.63 15.31 -1.67
C PRO B 104 22.56 16.12 -0.41
N GLY B 105 23.48 17.08 -0.27
CA GLY B 105 23.53 17.94 0.90
C GLY B 105 23.14 19.37 0.58
N GLY B 106 22.45 19.54 -0.56
CA GLY B 106 21.90 20.83 -0.95
C GLY B 106 22.89 21.84 -1.49
N ARG B 107 23.91 22.13 -0.67
CA ARG B 107 24.96 23.06 -1.09
C ARG B 107 26.09 22.25 -1.75
N LEU B 108 26.89 22.89 -2.61
CA LEU B 108 27.97 22.19 -3.36
C LEU B 108 28.91 21.33 -2.47
N SER B 109 29.35 21.88 -1.33
CA SER B 109 30.23 21.16 -0.42
C SER B 109 29.62 19.85 0.11
N GLY B 110 28.32 19.64 -0.08
CA GLY B 110 27.69 18.38 0.34
C GLY B 110 27.85 17.26 -0.69
N GLY B 111 28.51 17.56 -1.83
CA GLY B 111 28.74 16.56 -2.88
C GLY B 111 27.83 16.74 -4.11
N VAL B 112 28.40 16.44 -5.28
CA VAL B 112 27.68 16.49 -6.55
C VAL B 112 27.44 15.05 -6.95
N ASN B 113 26.16 14.66 -7.07
CA ASN B 113 25.82 13.29 -7.33
C ASN B 113 25.63 13.01 -8.83
N LYS B 114 26.70 12.50 -9.39
CA LYS B 114 26.82 12.13 -10.77
C LYS B 114 25.74 11.15 -11.22
N GLU B 115 25.45 10.15 -10.41
CA GLU B 115 24.36 9.23 -10.74
C GLU B 115 22.97 9.91 -10.84
N GLY B 116 22.74 10.94 -10.03
CA GLY B 116 21.49 11.62 -10.06
C GLY B 116 21.44 12.48 -11.29
N ILE B 117 22.58 13.05 -11.68
CA ILE B 117 22.66 13.77 -12.96
C ILE B 117 22.36 12.79 -14.13
N ASN B 118 22.91 11.55 -14.07
CA ASN B 118 22.70 10.54 -15.14
C ASN B 118 21.22 10.22 -15.31
N TYR B 119 20.51 10.00 -14.20
CA TYR B 119 19.09 9.79 -14.25
C TYR B 119 18.36 10.91 -15.06
N TYR B 120 18.54 12.19 -14.71
CA TYR B 120 17.82 13.24 -15.47
C TYR B 120 18.25 13.31 -16.91
N ASN B 121 19.53 13.06 -17.17
CA ASN B 121 19.98 12.96 -18.56
C ASN B 121 19.27 11.82 -19.28
N ASN B 122 19.20 10.65 -18.68
CA ASN B 122 18.51 9.50 -19.31
C ASN B 122 17.02 9.86 -19.59
N LEU B 123 16.37 10.56 -18.64
CA LEU B 123 14.97 10.89 -18.83
C LEU B 123 14.84 11.89 -19.93
N ILE B 124 15.63 12.98 -19.90
CA ILE B 124 15.61 14.00 -20.98
C ILE B 124 15.89 13.38 -22.35
N ASP B 125 16.95 12.58 -22.43
CA ASP B 125 17.28 11.86 -23.65
C ASP B 125 16.15 10.97 -24.21
N GLY B 126 15.42 10.27 -23.34
CA GLY B 126 14.41 9.35 -23.82
C GLY B 126 13.20 10.16 -24.32
N LEU B 127 12.87 11.23 -23.59
CA LEU B 127 11.85 12.20 -23.98
C LEU B 127 12.14 12.79 -25.35
N LEU B 128 13.33 13.40 -25.56
CA LEU B 128 13.65 13.93 -26.89
C LEU B 128 13.71 12.88 -28.00
N ALA B 129 14.11 11.65 -27.67
CA ALA B 129 14.21 10.62 -28.72
C ALA B 129 12.79 10.30 -29.24
N ASN B 130 11.80 10.59 -28.42
CA ASN B 130 10.39 10.38 -28.80
C ASN B 130 9.66 11.69 -29.17
N GLY B 131 10.40 12.78 -29.45
CA GLY B 131 9.76 14.04 -29.88
C GLY B 131 9.00 14.83 -28.79
N ILE B 132 9.34 14.57 -27.52
CA ILE B 132 8.60 15.17 -26.36
C ILE B 132 9.49 16.25 -25.70
N LYS B 133 8.99 17.49 -25.64
CA LYS B 133 9.77 18.58 -25.08
C LYS B 133 9.71 18.53 -23.55
N PRO B 134 10.86 18.61 -22.90
CA PRO B 134 10.83 18.56 -21.46
C PRO B 134 10.64 19.96 -20.88
N PHE B 135 9.67 20.12 -19.98
CA PHE B 135 9.48 21.37 -19.25
C PHE B 135 9.86 21.09 -17.80
N VAL B 136 10.90 21.76 -17.33
CA VAL B 136 11.59 21.30 -16.10
C VAL B 136 11.54 22.33 -14.98
N THR B 137 11.04 21.89 -13.82
CA THR B 137 10.91 22.71 -12.65
C THR B 137 12.06 22.39 -11.72
N LEU B 138 12.78 23.42 -11.30
CA LEU B 138 13.91 23.22 -10.38
C LEU B 138 13.41 22.87 -8.98
N PHE B 139 12.39 23.60 -8.50
CA PHE B 139 11.95 23.42 -7.13
C PHE B 139 10.46 23.15 -6.94
N HIS B 140 10.13 21.89 -6.62
CA HIS B 140 8.75 21.53 -6.37
C HIS B 140 8.67 20.94 -4.95
N TRP B 141 9.17 21.72 -3.97
CA TRP B 141 8.91 21.59 -2.52
C TRP B 141 9.88 20.69 -1.76
N ASP B 142 10.71 19.93 -2.48
CA ASP B 142 11.59 18.93 -1.89
C ASP B 142 12.96 19.57 -1.52
N VAL B 143 12.89 20.53 -0.60
CA VAL B 143 14.08 21.17 -0.01
C VAL B 143 15.02 20.14 0.58
N PRO B 144 16.32 20.20 0.23
CA PRO B 144 17.25 19.30 0.91
C PRO B 144 17.19 19.43 2.43
N GLN B 145 17.06 18.31 3.13
CA GLN B 145 17.04 18.36 4.56
C GLN B 145 18.32 19.00 5.08
N ALA B 146 19.41 18.89 4.32
CA ALA B 146 20.68 19.34 4.88
C ALA B 146 20.65 20.85 5.05
N LEU B 147 19.97 21.55 4.14
CA LEU B 147 19.85 23.00 4.19
C LEU B 147 18.82 23.36 5.23
N GLU B 148 17.72 22.60 5.30
CA GLU B 148 16.71 22.84 6.30
C GLU B 148 17.34 22.78 7.71
N ASP B 149 18.16 21.76 7.92
CA ASP B 149 18.86 21.61 9.20
C ASP B 149 19.98 22.64 9.45
N GLU B 150 20.78 22.93 8.44
CA GLU B 150 21.89 23.81 8.67
C GLU B 150 21.39 25.23 9.01
N TYR B 151 20.43 25.74 8.27
CA TYR B 151 20.01 27.14 8.49
C TYR B 151 18.51 27.47 8.34
N GLY B 152 17.66 26.46 8.27
CA GLY B 152 16.22 26.66 8.18
C GLY B 152 15.69 26.74 6.76
N GLY B 153 16.48 26.28 5.78
CA GLY B 153 16.02 26.27 4.40
C GLY B 153 15.51 27.64 4.00
N PHE B 154 14.25 27.70 3.52
CA PHE B 154 13.71 28.96 3.01
C PHE B 154 13.41 30.02 4.04
N LEU B 155 13.54 29.67 5.31
CA LEU B 155 13.49 30.69 6.37
C LEU B 155 14.72 31.59 6.35
N SER B 156 15.81 31.14 5.73
CA SER B 156 17.02 31.95 5.76
C SER B 156 17.32 32.56 4.40
N PRO B 157 17.90 33.79 4.37
CA PRO B 157 18.41 34.30 3.10
C PRO B 157 19.53 33.41 2.51
N ARG B 158 20.13 32.51 3.29
CA ARG B 158 21.22 31.67 2.71
C ARG B 158 20.76 30.77 1.59
N ILE B 159 19.48 30.42 1.59
CA ILE B 159 18.84 29.61 0.55
C ILE B 159 18.96 30.19 -0.86
N VAL B 160 19.12 31.51 -0.97
CA VAL B 160 19.13 32.17 -2.28
C VAL B 160 20.37 31.77 -3.07
N ASP B 161 21.55 31.93 -2.47
CA ASP B 161 22.79 31.51 -3.16
C ASP B 161 22.86 30.02 -3.42
N ASP B 162 22.38 29.21 -2.47
CA ASP B 162 22.44 27.76 -2.68
C ASP B 162 21.49 27.35 -3.80
N PHE B 163 20.31 27.96 -3.87
CA PHE B 163 19.39 27.67 -4.98
C PHE B 163 20.06 28.03 -6.33
N CYS B 164 20.69 29.20 -6.39
CA CYS B 164 21.46 29.62 -7.56
CA CYS B 164 21.45 29.65 -7.54
C CYS B 164 22.53 28.63 -7.98
N GLU B 165 23.34 28.15 -7.04
CA GLU B 165 24.34 27.10 -7.37
C GLU B 165 23.66 25.87 -7.97
N TYR B 166 22.52 25.49 -7.39
CA TYR B 166 21.74 24.37 -7.90
C TYR B 166 21.20 24.64 -9.31
N ALA B 167 20.53 25.78 -9.53
CA ALA B 167 20.06 26.17 -10.85
C ALA B 167 21.17 26.10 -11.88
N GLU B 168 22.35 26.57 -11.48
CA GLU B 168 23.49 26.67 -12.39
C GLU B 168 23.99 25.28 -12.75
N LEU B 169 24.04 24.38 -11.76
CA LEU B 169 24.35 22.98 -12.05
C LEU B 169 23.38 22.42 -13.10
N CYS B 170 22.07 22.60 -12.88
CA CYS B 170 21.06 22.12 -13.83
C CYS B 170 21.16 22.78 -15.23
N PHE B 171 21.35 24.10 -15.27
CA PHE B 171 21.49 24.76 -16.55
C PHE B 171 22.68 24.20 -17.30
N TRP B 172 23.80 23.95 -16.58
CA TRP B 172 25.01 23.47 -17.18
C TRP B 172 24.85 22.03 -17.69
N GLU B 173 24.24 21.15 -16.87
CA GLU B 173 24.16 19.75 -17.16
C GLU B 173 23.09 19.47 -18.24
N PHE B 174 21.97 20.23 -18.20
CA PHE B 174 20.79 19.86 -18.98
C PHE B 174 20.37 20.87 -20.01
N GLY B 175 20.86 22.12 -19.89
CA GLY B 175 20.33 23.24 -20.62
C GLY B 175 20.56 23.18 -22.10
N ASP B 176 21.54 22.38 -22.55
CA ASP B 176 21.69 22.10 -23.99
C ASP B 176 20.47 21.38 -24.63
N ARG B 177 19.71 20.65 -23.82
CA ARG B 177 18.54 19.91 -24.29
C ARG B 177 17.23 20.49 -23.71
N VAL B 178 17.22 20.92 -22.44
CA VAL B 178 16.04 21.50 -21.82
C VAL B 178 15.90 22.98 -22.14
N LYS B 179 14.83 23.36 -22.83
CA LYS B 179 14.67 24.77 -23.27
C LYS B 179 13.54 25.45 -22.56
N HIS B 180 12.91 24.79 -21.60
CA HIS B 180 11.82 25.44 -20.90
C HIS B 180 12.02 25.14 -19.42
N TRP B 181 12.32 26.18 -18.65
CA TRP B 181 12.68 26.01 -17.24
C TRP B 181 11.67 26.77 -16.40
N MET B 182 11.38 26.26 -15.20
CA MET B 182 10.61 26.99 -14.23
C MET B 182 11.39 26.85 -12.94
N THR B 183 11.61 27.98 -12.29
CA THR B 183 12.32 28.06 -11.05
C THR B 183 11.53 27.36 -9.95
N LEU B 184 10.31 27.82 -9.69
CA LEU B 184 9.50 27.30 -8.58
C LEU B 184 8.15 26.80 -9.07
N ASN B 185 7.60 25.82 -8.35
CA ASN B 185 6.21 25.46 -8.53
C ASN B 185 5.42 25.78 -7.28
N GLU B 186 4.30 26.48 -7.46
CA GLU B 186 3.45 26.85 -6.31
C GLU B 186 4.19 27.24 -5.05
N PRO B 187 4.97 28.33 -5.11
CA PRO B 187 5.59 28.76 -3.85
C PRO B 187 4.49 29.18 -2.83
N TRP B 188 3.33 29.58 -3.33
CA TRP B 188 2.20 29.89 -2.45
C TRP B 188 1.90 28.67 -1.56
N THR B 189 1.74 27.50 -2.19
CA THR B 189 1.35 26.30 -1.46
C THR B 189 2.45 25.92 -0.47
N PHE B 190 3.69 26.01 -0.94
CA PHE B 190 4.83 25.67 -0.13
C PHE B 190 4.88 26.54 1.11
N SER B 191 4.77 27.85 0.91
CA SER B 191 4.83 28.80 2.00
C SER B 191 3.66 28.71 2.96
N VAL B 192 2.45 28.71 2.44
CA VAL B 192 1.25 28.66 3.27
C VAL B 192 1.02 27.30 4.00
N HIS B 193 1.12 26.17 3.28
CA HIS B 193 0.88 24.86 3.91
C HIS B 193 2.09 24.46 4.76
N GLY B 194 3.26 25.02 4.48
CA GLY B 194 4.47 24.66 5.21
C GLY B 194 4.65 25.45 6.49
N TYR B 195 4.20 26.71 6.48
CA TYR B 195 4.54 27.71 7.52
C TYR B 195 3.37 28.46 8.12
N ALA B 196 2.21 28.40 7.45
CA ALA B 196 1.00 28.95 8.02
C ALA B 196 0.10 27.88 8.62
N THR B 197 -0.28 26.86 7.86
CA THR B 197 -1.16 25.81 8.44
C THR B 197 -0.36 24.65 9.08
N GLY B 198 0.90 24.47 8.69
CA GLY B 198 1.75 23.42 9.24
C GLY B 198 1.39 22.02 8.77
N LEU B 199 0.60 21.92 7.70
CA LEU B 199 0.11 20.63 7.20
C LEU B 199 1.04 19.93 6.19
N TYR B 200 1.96 20.70 5.60
CA TYR B 200 2.93 20.15 4.65
C TYR B 200 4.31 20.33 5.29
N ALA B 201 5.29 19.55 4.83
CA ALA B 201 6.70 19.78 5.21
C ALA B 201 7.04 21.27 5.03
N PRO B 202 7.77 21.87 6.00
CA PRO B 202 8.40 21.26 7.17
C PRO B 202 7.50 21.22 8.40
N GLY B 203 6.20 21.43 8.20
CA GLY B 203 5.21 21.30 9.27
C GLY B 203 5.23 22.33 10.37
N ARG B 204 5.34 23.60 10.01
CA ARG B 204 5.41 24.66 11.01
C ARG B 204 4.18 25.57 11.02
N GLY B 205 3.96 26.15 12.19
CA GLY B 205 2.95 27.19 12.34
C GLY B 205 1.57 26.83 12.85
N ARG B 206 1.29 25.54 13.06
CA ARG B 206 -0.09 25.08 13.45
C ARG B 206 -0.54 25.50 14.88
N THR B 232 9.72 27.48 17.12
CA THR B 232 8.77 26.41 16.70
C THR B 232 7.72 26.72 15.53
N GLY B 233 7.67 27.96 15.06
CA GLY B 233 6.77 28.33 13.99
C GLY B 233 5.97 29.53 14.42
N ASN B 234 5.41 30.21 13.42
CA ASN B 234 4.69 31.45 13.65
C ASN B 234 4.00 31.76 12.32
N PRO B 235 2.70 31.43 12.23
CA PRO B 235 1.98 31.58 10.99
C PRO B 235 1.79 33.05 10.64
N GLY B 236 2.15 33.97 11.53
CA GLY B 236 2.08 35.43 11.24
C GLY B 236 3.33 36.08 10.64
N THR B 237 4.48 35.41 10.73
CA THR B 237 5.74 36.00 10.27
C THR B 237 6.43 35.06 9.27
N GLU B 238 6.44 33.77 9.55
CA GLU B 238 7.24 32.86 8.73
C GLU B 238 6.73 32.72 7.28
N PRO B 239 5.40 32.68 7.04
CA PRO B 239 5.02 32.57 5.63
C PRO B 239 5.53 33.75 4.78
N TYR B 240 5.63 34.94 5.39
CA TYR B 240 6.11 36.13 4.67
C TYR B 240 7.62 36.13 4.42
N TRP B 241 8.40 35.61 5.39
CA TRP B 241 9.84 35.46 5.17
C TRP B 241 10.13 34.39 4.14
N VAL B 242 9.39 33.29 4.23
CA VAL B 242 9.59 32.17 3.31
C VAL B 242 9.27 32.61 1.86
N THR B 243 8.15 33.29 1.68
CA THR B 243 7.76 33.79 0.37
C THR B 243 8.78 34.81 -0.14
N HIS B 244 9.20 35.73 0.72
CA HIS B 244 10.27 36.65 0.41
C HIS B 244 11.54 35.96 -0.13
N HIS B 245 12.00 34.93 0.55
CA HIS B 245 13.21 34.22 0.12
C HIS B 245 12.95 33.40 -1.15
N LEU B 246 11.73 32.86 -1.26
CA LEU B 246 11.33 32.17 -2.48
C LEU B 246 11.43 33.13 -3.66
N LEU B 247 10.89 34.35 -3.52
CA LEU B 247 10.95 35.30 -4.61
C LEU B 247 12.36 35.72 -4.96
N LEU B 248 13.20 35.93 -3.95
CA LEU B 248 14.58 36.31 -4.22
C LEU B 248 15.35 35.12 -4.86
N ALA B 249 15.06 33.89 -4.43
CA ALA B 249 15.66 32.69 -5.06
C ALA B 249 15.26 32.65 -6.54
N HIS B 250 13.98 32.90 -6.79
CA HIS B 250 13.50 32.90 -8.17
C HIS B 250 14.23 33.98 -8.97
N ALA B 251 14.31 35.19 -8.43
CA ALA B 251 14.92 36.34 -9.14
C ALA B 251 16.36 36.11 -9.50
N ALA B 252 17.11 35.56 -8.54
CA ALA B 252 18.53 35.28 -8.72
C ALA B 252 18.75 34.14 -9.71
N ALA B 253 17.93 33.10 -9.70
CA ALA B 253 18.08 32.03 -10.71
C ALA B 253 17.72 32.53 -12.11
N VAL B 254 16.69 33.39 -12.24
CA VAL B 254 16.36 34.00 -13.54
C VAL B 254 17.48 34.92 -14.03
N GLU B 255 18.00 35.77 -13.14
CA GLU B 255 19.19 36.55 -13.47
C GLU B 255 20.36 35.66 -13.93
N LEU B 256 20.59 34.56 -13.22
CA LEU B 256 21.67 33.69 -13.58
C LEU B 256 21.42 33.13 -14.99
N TYR B 257 20.20 32.69 -15.26
CA TYR B 257 19.94 32.09 -16.55
C TYR B 257 20.05 33.12 -17.70
N LYS B 258 19.47 34.31 -17.53
CA LYS B 258 19.47 35.31 -18.61
C LYS B 258 20.87 35.83 -18.92
N ASN B 259 21.68 35.98 -17.87
CA ASN B 259 23.02 36.56 -18.02
C ASN B 259 24.08 35.53 -18.38
N LYS B 260 23.93 34.28 -17.91
CA LYS B 260 25.03 33.31 -18.03
C LYS B 260 24.78 32.12 -18.95
N PHE B 261 23.53 31.92 -19.40
CA PHE B 261 23.14 30.69 -20.09
C PHE B 261 22.28 30.90 -21.32
N GLN B 262 21.41 31.91 -21.28
CA GLN B 262 20.38 32.10 -22.30
C GLN B 262 20.93 32.39 -23.70
N ARG B 263 21.98 33.18 -23.82
CA ARG B 263 22.59 33.35 -25.13
C ARG B 263 23.15 32.02 -25.75
N GLY B 264 23.89 31.22 -24.98
CA GLY B 264 24.40 29.95 -25.49
C GLY B 264 23.31 28.87 -25.65
N GLN B 265 22.30 28.88 -24.79
CA GLN B 265 21.36 27.76 -24.73
C GLN B 265 20.02 28.06 -25.38
N GLU B 266 19.64 29.36 -25.42
CA GLU B 266 18.48 29.85 -26.18
C GLU B 266 17.17 29.21 -25.73
N GLY B 267 17.06 28.95 -24.43
CA GLY B 267 15.80 28.50 -23.86
C GLY B 267 15.10 29.61 -23.12
N GLN B 268 14.06 29.23 -22.37
CA GLN B 268 13.22 30.20 -21.63
C GLN B 268 13.06 29.79 -20.17
N ILE B 269 12.85 30.77 -19.30
CA ILE B 269 12.70 30.46 -17.89
C ILE B 269 11.49 31.23 -17.36
N GLY B 270 10.66 30.56 -16.59
CA GLY B 270 9.59 31.22 -15.85
C GLY B 270 9.35 30.57 -14.52
N ILE B 271 8.09 30.56 -14.11
CA ILE B 271 7.69 30.14 -12.80
C ILE B 271 6.20 29.72 -12.87
N SER B 272 5.82 28.76 -12.03
CA SER B 272 4.45 28.26 -11.96
C SER B 272 3.78 28.69 -10.63
N HIS B 273 2.60 29.33 -10.74
CA HIS B 273 1.89 29.81 -9.54
C HIS B 273 0.58 29.11 -9.23
N ALA B 274 0.33 28.85 -7.94
CA ALA B 274 -1.00 28.35 -7.48
C ALA B 274 -2.08 29.41 -7.74
N THR B 275 -3.19 29.01 -8.35
CA THR B 275 -4.32 29.90 -8.49
C THR B 275 -5.61 29.19 -8.08
N GLN B 276 -6.60 29.99 -7.69
CA GLN B 276 -7.97 29.55 -7.49
C GLN B 276 -8.81 30.77 -7.88
N TRP B 277 -9.87 30.59 -8.68
CA TRP B 277 -10.67 31.72 -9.02
C TRP B 277 -11.44 32.25 -7.79
N MET B 278 -11.51 33.56 -7.64
CA MET B 278 -12.22 34.25 -6.53
C MET B 278 -13.38 35.08 -7.06
N GLU B 279 -14.61 34.70 -6.72
CA GLU B 279 -15.81 35.38 -7.18
C GLU B 279 -16.48 36.12 -6.01
N PRO B 280 -16.92 37.38 -6.23
CA PRO B 280 -17.64 38.05 -5.16
C PRO B 280 -18.89 37.23 -4.82
N TRP B 281 -19.13 36.95 -3.54
CA TRP B 281 -20.31 36.21 -3.12
C TRP B 281 -21.63 36.86 -3.64
N ASP B 282 -21.73 38.19 -3.48
CA ASP B 282 -22.86 38.98 -3.97
C ASP B 282 -22.27 39.87 -5.06
N GLU B 283 -22.58 39.59 -6.32
CA GLU B 283 -22.11 40.42 -7.47
C GLU B 283 -22.36 41.94 -7.34
N ASN B 284 -23.35 42.35 -6.54
CA ASN B 284 -23.68 43.79 -6.38
C ASN B 284 -23.11 44.44 -5.10
N SER B 285 -22.26 43.73 -4.36
CA SER B 285 -21.67 44.24 -3.13
C SER B 285 -20.24 44.68 -3.37
N ALA B 286 -20.05 46.00 -3.41
CA ALA B 286 -18.73 46.62 -3.48
C ALA B 286 -17.72 45.96 -2.52
N SER B 287 -18.15 45.73 -1.29
CA SER B 287 -17.38 45.04 -0.26
C SER B 287 -16.92 43.61 -0.68
N ASP B 288 -17.80 42.83 -1.32
CA ASP B 288 -17.43 41.49 -1.81
C ASP B 288 -16.50 41.57 -3.04
N VAL B 289 -16.73 42.57 -3.89
CA VAL B 289 -15.87 42.80 -5.07
C VAL B 289 -14.43 43.07 -4.63
N GLU B 290 -14.27 43.93 -3.61
CA GLU B 290 -12.94 44.23 -3.06
C GLU B 290 -12.35 43.02 -2.33
N ALA B 291 -13.22 42.23 -1.69
CA ALA B 291 -12.81 41.03 -0.91
C ALA B 291 -12.29 39.91 -1.81
N ALA B 292 -12.98 39.70 -2.93
CA ALA B 292 -12.50 38.71 -3.93
C ALA B 292 -11.15 39.15 -4.51
N ALA B 293 -11.02 40.45 -4.82
CA ALA B 293 -9.77 41.04 -5.33
C ALA B 293 -8.66 40.97 -4.31
N ARG B 294 -9.00 41.20 -3.04
CA ARG B 294 -8.02 41.02 -1.97
C ARG B 294 -7.57 39.54 -1.88
N ALA B 295 -8.51 38.59 -1.93
CA ALA B 295 -8.12 37.15 -1.95
C ALA B 295 -7.20 36.81 -3.12
N LEU B 296 -7.42 37.44 -4.28
CA LEU B 296 -6.51 37.30 -5.42
C LEU B 296 -5.14 37.89 -5.12
N ASP B 297 -5.13 39.06 -4.47
CA ASP B 297 -3.88 39.68 -4.00
C ASP B 297 -3.08 38.76 -3.07
N PHE B 298 -3.74 38.16 -2.10
CA PHE B 298 -3.05 37.38 -1.09
C PHE B 298 -2.58 36.04 -1.63
N MET B 299 -3.23 35.54 -2.68
CA MET B 299 -2.77 34.28 -3.24
C MET B 299 -1.77 34.41 -4.40
N LEU B 300 -2.25 35.11 -5.45
CA LEU B 300 -1.52 35.24 -6.72
C LEU B 300 -0.68 36.50 -6.72
N GLY B 301 -1.26 37.60 -6.24
CA GLY B 301 -0.60 38.90 -6.26
C GLY B 301 0.66 38.92 -5.42
N TRP B 302 0.64 38.14 -4.36
CA TRP B 302 1.73 37.99 -3.45
C TRP B 302 3.04 37.67 -4.21
N PHE B 303 2.93 36.90 -5.30
CA PHE B 303 4.05 36.49 -6.14
C PHE B 303 4.11 37.24 -7.48
N MET B 304 2.93 37.60 -8.01
CA MET B 304 2.89 38.24 -9.31
C MET B 304 3.26 39.74 -9.30
N GLU B 305 2.89 40.45 -8.25
CA GLU B 305 3.20 41.88 -8.19
C GLU B 305 4.71 42.10 -8.05
N PRO B 306 5.40 41.35 -7.18
CA PRO B 306 6.87 41.45 -7.16
C PRO B 306 7.56 41.29 -8.54
N ILE B 307 7.11 40.34 -9.36
CA ILE B 307 7.77 40.16 -10.66
C ILE B 307 7.19 41.07 -11.74
N THR B 308 6.27 41.94 -11.34
CA THR B 308 5.66 42.90 -12.23
C THR B 308 6.16 44.32 -11.95
N SER B 309 6.09 44.76 -10.71
CA SER B 309 6.47 46.13 -10.39
C SER B 309 7.56 46.15 -9.32
N GLY B 310 7.96 44.98 -8.84
CA GLY B 310 9.00 44.87 -7.85
C GLY B 310 8.57 45.17 -6.43
N ASP B 311 7.27 45.10 -6.16
CA ASP B 311 6.74 45.29 -4.82
C ASP B 311 5.53 44.38 -4.59
N TYR B 312 5.07 44.29 -3.35
CA TYR B 312 3.93 43.50 -3.01
C TYR B 312 2.65 44.28 -3.30
N PRO B 313 1.52 43.57 -3.42
CA PRO B 313 0.25 44.26 -3.64
C PRO B 313 -0.07 45.24 -2.52
N LYS B 314 -0.70 46.37 -2.89
CA LYS B 314 -1.15 47.42 -1.95
C LYS B 314 -1.89 46.83 -0.76
N SER B 315 -2.78 45.88 -1.04
CA SER B 315 -3.62 45.35 0.00
C SER B 315 -2.82 44.47 1.01
N MET B 316 -1.76 43.80 0.56
CA MET B 316 -0.92 43.05 1.49
C MET B 316 -0.07 44.02 2.31
N LYS B 317 0.42 45.08 1.68
CA LYS B 317 1.15 46.10 2.43
C LYS B 317 0.31 46.72 3.55
N LYS B 318 -0.99 46.86 3.28
CA LYS B 318 -1.88 47.53 4.21
C LYS B 318 -2.19 46.59 5.39
N PHE B 319 -2.54 45.34 5.06
CA PHE B 319 -3.09 44.42 6.08
C PHE B 319 -2.00 43.68 6.87
N VAL B 320 -0.83 43.48 6.28
CA VAL B 320 0.28 42.77 6.92
C VAL B 320 1.30 43.73 7.55
N GLY B 321 1.46 44.93 6.97
CA GLY B 321 2.21 46.03 7.61
C GLY B 321 3.66 45.68 7.82
N SER B 322 4.14 45.95 9.04
CA SER B 322 5.54 45.69 9.40
C SER B 322 5.98 44.20 9.32
N ARG B 323 5.03 43.28 9.32
CA ARG B 323 5.37 41.87 9.19
C ARG B 323 5.70 41.42 7.76
N LEU B 324 5.44 42.33 6.80
CA LEU B 324 5.77 42.10 5.38
C LEU B 324 7.14 42.72 5.03
N PRO B 325 8.17 41.89 4.72
CA PRO B 325 9.53 42.41 4.45
C PRO B 325 9.60 43.33 3.22
N LYS B 326 10.62 44.16 3.21
CA LYS B 326 10.79 45.12 2.13
C LYS B 326 11.82 44.62 1.15
N PHE B 327 11.62 44.96 -0.12
CA PHE B 327 12.64 44.71 -1.10
C PHE B 327 13.60 45.91 -1.18
N SER B 328 14.89 45.66 -1.20
CA SER B 328 15.85 46.72 -1.51
C SER B 328 15.63 47.21 -2.97
N PRO B 329 16.16 48.40 -3.34
CA PRO B 329 15.95 48.77 -4.75
C PRO B 329 16.64 47.84 -5.77
N GLU B 330 17.82 47.25 -5.45
CA GLU B 330 18.47 46.19 -6.30
C GLU B 330 17.58 44.95 -6.42
N GLN B 331 16.97 44.52 -5.32
CA GLN B 331 16.04 43.39 -5.32
C GLN B 331 14.79 43.64 -6.19
N SER B 332 14.15 44.79 -6.02
CA SER B 332 13.02 45.20 -6.87
C SER B 332 13.41 45.20 -8.34
N LYS B 333 14.58 45.77 -8.66
CA LYS B 333 15.01 45.84 -10.07
C LYS B 333 15.22 44.42 -10.66
N MET B 334 15.83 43.53 -9.89
CA MET B 334 16.09 42.15 -10.31
C MET B 334 14.77 41.34 -10.45
N LEU B 335 13.77 41.64 -9.60
CA LEU B 335 12.48 40.89 -9.59
C LEU B 335 11.53 41.31 -10.72
N LYS B 336 11.59 42.57 -11.09
CA LYS B 336 10.67 43.16 -12.06
C LYS B 336 10.96 42.62 -13.46
N GLY B 337 9.98 41.97 -14.09
CA GLY B 337 10.16 41.36 -15.42
C GLY B 337 11.01 40.09 -15.41
N SER B 338 11.17 39.46 -14.24
CA SER B 338 12.02 38.28 -14.14
C SER B 338 11.38 36.96 -14.63
N TYR B 339 10.94 36.93 -15.88
CA TYR B 339 10.40 35.68 -16.44
C TYR B 339 10.31 35.80 -17.96
N ASP B 340 10.35 34.66 -18.65
CA ASP B 340 10.05 34.67 -20.07
C ASP B 340 8.57 34.24 -20.29
N PHE B 341 8.01 33.58 -19.28
CA PHE B 341 6.60 33.13 -19.29
C PHE B 341 6.18 32.88 -17.86
N VAL B 342 4.87 32.80 -17.62
CA VAL B 342 4.36 32.38 -16.31
C VAL B 342 3.41 31.19 -16.54
N GLY B 343 3.53 30.13 -15.72
CA GLY B 343 2.60 29.04 -15.77
C GLY B 343 1.61 29.24 -14.66
N LEU B 344 0.36 28.90 -14.89
CA LEU B 344 -0.66 28.98 -13.86
C LEU B 344 -1.20 27.60 -13.56
N ASN B 345 -1.35 27.30 -12.30
CA ASN B 345 -1.97 26.06 -11.91
C ASN B 345 -3.34 26.37 -11.38
N TYR B 346 -4.36 25.75 -11.99
CA TYR B 346 -5.73 25.95 -11.62
C TYR B 346 -6.53 24.66 -11.38
N TYR B 347 -7.29 24.64 -10.29
CA TYR B 347 -8.18 23.52 -9.97
C TYR B 347 -9.64 23.92 -9.73
N THR B 348 -9.84 25.02 -9.01
CA THR B 348 -11.14 25.27 -8.39
C THR B 348 -11.37 26.75 -8.04
N ALA B 349 -12.51 27.07 -7.44
CA ALA B 349 -12.92 28.45 -7.27
C ALA B 349 -13.67 28.58 -5.98
N SER B 350 -13.87 29.83 -5.56
CA SER B 350 -14.64 30.12 -4.34
C SER B 350 -15.31 31.48 -4.44
N TYR B 351 -16.48 31.60 -3.82
CA TYR B 351 -17.05 32.90 -3.52
C TYR B 351 -16.29 33.51 -2.33
N VAL B 352 -16.31 34.83 -2.26
CA VAL B 352 -15.55 35.55 -1.28
C VAL B 352 -16.36 36.71 -0.70
N THR B 353 -16.22 36.90 0.60
CA THR B 353 -16.88 38.00 1.28
C THR B 353 -15.88 38.54 2.32
N ASN B 354 -16.17 39.68 2.92
CA ASN B 354 -15.30 40.29 3.94
C ASN B 354 -15.36 39.50 5.23
N ALA B 355 -14.28 39.51 6.02
CA ALA B 355 -14.26 38.82 7.33
C ALA B 355 -15.03 39.66 8.36
N SER B 356 -15.44 39.05 9.50
CA SER B 356 -16.28 39.75 10.52
C SER B 356 -15.52 40.76 11.43
N ASN B 364 -1.74 35.68 18.35
CA ASN B 364 -2.57 36.69 17.68
C ASN B 364 -2.45 36.60 16.13
N PHE B 365 -1.37 37.13 15.52
CA PHE B 365 -1.29 37.27 14.03
C PHE B 365 -1.13 35.97 13.22
N SER B 366 -1.68 35.96 11.99
CA SER B 366 -1.74 34.78 11.14
C SER B 366 -1.96 35.13 9.65
N TYR B 367 -1.19 34.52 8.74
CA TYR B 367 -1.42 34.70 7.31
C TYR B 367 -2.90 34.54 6.97
N ASN B 368 -3.57 33.57 7.59
CA ASN B 368 -4.92 33.21 7.18
C ASN B 368 -5.90 34.32 7.57
N THR B 369 -5.63 34.98 8.68
CA THR B 369 -6.49 36.04 9.15
C THR B 369 -6.06 37.41 8.57
N ASP B 370 -4.81 37.55 8.13
CA ASP B 370 -4.41 38.80 7.46
C ASP B 370 -5.15 39.03 6.15
N ILE B 371 -5.61 37.96 5.47
CA ILE B 371 -6.35 38.12 4.21
C ILE B 371 -7.63 38.96 4.42
N HIS B 372 -8.21 38.93 5.62
CA HIS B 372 -9.47 39.59 5.94
C HIS B 372 -10.64 39.25 5.00
N VAL B 373 -10.79 37.97 4.70
CA VAL B 373 -11.92 37.45 3.93
C VAL B 373 -12.50 36.18 4.58
N THR B 374 -13.74 35.83 4.22
CA THR B 374 -14.34 34.54 4.54
C THR B 374 -14.64 33.94 3.18
N TYR B 375 -14.21 32.70 2.96
CA TYR B 375 -14.59 31.95 1.77
C TYR B 375 -15.98 31.32 1.91
N GLU B 376 -16.71 31.24 0.80
CA GLU B 376 -18.07 30.70 0.79
C GLU B 376 -18.20 29.76 -0.43
N THR B 377 -18.68 28.54 -0.21
CA THR B 377 -18.89 27.60 -1.32
C THR B 377 -20.25 27.80 -2.07
N ASP B 378 -21.27 28.35 -1.37
CA ASP B 378 -22.68 28.33 -1.84
C ASP B 378 -23.33 29.73 -1.92
N ARG B 379 -24.22 29.89 -2.90
CA ARG B 379 -25.24 30.94 -2.93
C ARG B 379 -26.58 30.27 -2.76
N ASN B 380 -27.23 30.54 -1.63
CA ASN B 380 -28.61 30.07 -1.43
C ASN B 380 -28.71 28.56 -1.67
N GLY B 381 -27.81 27.79 -1.04
CA GLY B 381 -27.78 26.35 -1.18
C GLY B 381 -27.16 25.77 -2.46
N VAL B 382 -26.75 26.61 -3.40
CA VAL B 382 -26.16 26.13 -4.63
C VAL B 382 -24.66 26.33 -4.56
N PRO B 383 -23.91 25.20 -4.49
CA PRO B 383 -22.43 25.24 -4.54
C PRO B 383 -21.98 25.86 -5.87
N ILE B 384 -20.81 26.51 -5.85
CA ILE B 384 -20.22 27.05 -7.06
C ILE B 384 -19.97 25.96 -8.13
N GLY B 385 -19.70 24.73 -7.68
CA GLY B 385 -19.61 23.59 -8.57
C GLY B 385 -19.72 22.29 -7.78
N PRO B 386 -19.91 21.16 -8.48
CA PRO B 386 -19.90 19.89 -7.73
C PRO B 386 -18.51 19.48 -7.23
N GLN B 387 -18.46 18.68 -6.18
CA GLN B 387 -17.21 18.09 -5.70
C GLN B 387 -16.64 17.03 -6.64
N SER B 388 -15.32 16.98 -6.71
CA SER B 388 -14.60 15.86 -7.30
C SER B 388 -14.53 14.79 -6.20
N GLY B 389 -13.47 13.98 -6.25
CA GLY B 389 -13.19 12.98 -5.21
C GLY B 389 -12.82 13.64 -3.89
N SER B 390 -12.56 14.96 -3.94
CA SER B 390 -12.05 15.81 -2.81
C SER B 390 -13.04 16.91 -2.46
N ASP B 391 -13.27 17.14 -1.19
CA ASP B 391 -14.33 18.08 -0.86
C ASP B 391 -13.92 19.54 -1.08
N TRP B 392 -12.61 19.80 -1.18
CA TRP B 392 -12.17 21.15 -1.47
C TRP B 392 -12.17 21.45 -3.00
N LEU B 393 -12.26 20.43 -3.85
CA LEU B 393 -12.19 20.70 -5.28
C LEU B 393 -13.59 20.76 -5.88
N LEU B 394 -14.10 21.99 -5.97
CA LEU B 394 -15.40 22.24 -6.58
C LEU B 394 -15.16 22.52 -8.06
N ILE B 395 -15.81 21.76 -8.93
CA ILE B 395 -15.59 21.89 -10.40
C ILE B 395 -16.28 23.13 -10.97
N TYR B 396 -15.47 24.11 -11.38
CA TYR B 396 -15.97 25.35 -11.95
C TYR B 396 -15.10 25.73 -13.17
N PRO B 397 -15.45 25.24 -14.37
CA PRO B 397 -14.51 25.41 -15.50
C PRO B 397 -14.31 26.87 -15.95
N GLU B 398 -15.33 27.69 -15.84
CA GLU B 398 -15.22 29.14 -16.16
C GLU B 398 -14.06 29.81 -15.38
N GLY B 399 -13.70 29.25 -14.24
CA GLY B 399 -12.71 29.84 -13.38
C GLY B 399 -11.35 29.97 -14.02
N ILE B 400 -10.98 28.96 -14.83
CA ILE B 400 -9.67 28.97 -15.54
C ILE B 400 -9.65 30.06 -16.58
N ARG B 401 -10.78 30.23 -17.27
CA ARG B 401 -10.93 31.39 -18.15
C ARG B 401 -10.82 32.70 -17.37
N LYS B 402 -11.56 32.86 -16.27
CA LYS B 402 -11.51 34.12 -15.53
C LYS B 402 -10.07 34.44 -15.00
N ILE B 403 -9.41 33.44 -14.44
CA ILE B 403 -8.04 33.58 -13.92
C ILE B 403 -7.01 33.92 -14.98
N LEU B 404 -7.16 33.38 -16.20
CA LEU B 404 -6.33 33.77 -17.33
C LEU B 404 -6.56 35.22 -17.71
N VAL B 405 -7.83 35.61 -17.81
CA VAL B 405 -8.20 36.97 -18.23
C VAL B 405 -7.71 37.92 -17.14
N TYR B 406 -7.90 37.52 -15.89
CA TYR B 406 -7.45 38.35 -14.80
C TYR B 406 -5.92 38.60 -14.79
N THR B 407 -5.12 37.55 -15.06
CA THR B 407 -3.68 37.62 -15.05
C THR B 407 -3.17 38.53 -16.18
N LYS B 408 -3.79 38.46 -17.37
CA LYS B 408 -3.38 39.30 -18.48
C LYS B 408 -3.70 40.76 -18.15
N LYS B 409 -4.87 40.97 -17.53
CA LYS B 409 -5.38 42.34 -17.26
C LYS B 409 -4.55 43.02 -16.16
N THR B 410 -4.19 42.28 -15.14
CA THR B 410 -3.63 42.85 -13.93
C THR B 410 -2.09 42.88 -13.99
N TYR B 411 -1.49 41.88 -14.63
CA TYR B 411 -0.05 41.71 -14.59
C TYR B 411 0.58 41.81 -15.96
N ASN B 412 -0.27 41.81 -16.99
CA ASN B 412 0.18 42.01 -18.35
C ASN B 412 1.30 41.05 -18.82
N VAL B 413 1.16 39.78 -18.45
CA VAL B 413 2.11 38.70 -18.78
C VAL B 413 2.04 38.45 -20.30
N PRO B 414 3.18 38.61 -21.03
CA PRO B 414 3.04 38.38 -22.50
C PRO B 414 2.81 36.92 -22.90
N LEU B 415 3.32 35.97 -22.12
CA LEU B 415 3.27 34.53 -22.43
C LEU B 415 2.87 33.73 -21.21
N ILE B 416 1.76 33.02 -21.33
CA ILE B 416 1.21 32.21 -20.24
C ILE B 416 1.02 30.77 -20.71
N TYR B 417 1.35 29.82 -19.84
CA TYR B 417 1.00 28.42 -19.99
C TYR B 417 0.06 28.08 -18.86
N VAL B 418 -0.88 27.17 -19.11
CA VAL B 418 -1.49 26.44 -18.03
C VAL B 418 -0.53 25.29 -17.62
N THR B 419 0.17 25.47 -16.52
CA THR B 419 1.14 24.44 -16.13
C THR B 419 0.53 23.25 -15.33
N GLU B 420 -0.68 23.42 -14.77
CA GLU B 420 -1.42 22.31 -14.13
C GLU B 420 -2.91 22.58 -14.21
N ASN B 421 -3.67 21.55 -14.58
CA ASN B 421 -5.11 21.56 -14.44
C ASN B 421 -5.55 20.11 -14.41
N GLY B 422 -6.41 19.73 -13.47
CA GLY B 422 -6.74 18.33 -13.35
C GLY B 422 -7.73 18.11 -12.24
N VAL B 423 -8.11 16.86 -12.00
CA VAL B 423 -9.18 16.53 -11.03
C VAL B 423 -8.91 15.08 -10.50
N ASP B 424 -9.35 14.78 -9.28
CA ASP B 424 -9.07 13.48 -8.63
C ASP B 424 -10.31 12.58 -8.59
N ASP B 425 -10.09 11.27 -8.78
CA ASP B 425 -11.19 10.30 -8.75
C ASP B 425 -11.78 10.17 -7.34
N VAL B 426 -13.09 9.86 -7.30
CA VAL B 426 -13.80 9.44 -6.11
C VAL B 426 -13.04 8.24 -5.51
N LYS B 427 -12.83 8.26 -4.20
CA LYS B 427 -12.10 7.19 -3.47
C LYS B 427 -12.92 5.89 -3.46
N ASN B 428 -12.36 4.81 -4.02
CA ASN B 428 -13.04 3.51 -4.14
C ASN B 428 -12.04 2.36 -4.36
N THR B 429 -11.79 1.57 -3.34
CA THR B 429 -10.93 0.41 -3.49
C THR B 429 -11.70 -0.83 -3.97
N ASN B 430 -13.02 -0.70 -4.28
CA ASN B 430 -13.91 -1.80 -4.66
C ASN B 430 -14.04 -2.00 -6.18
N LEU B 431 -13.42 -1.12 -6.95
CA LEU B 431 -13.54 -1.14 -8.39
C LEU B 431 -12.45 -2.04 -9.01
N THR B 432 -12.84 -2.84 -9.99
CA THR B 432 -11.85 -3.50 -10.81
C THR B 432 -11.29 -2.48 -11.83
N LEU B 433 -10.18 -2.86 -12.44
CA LEU B 433 -9.53 -2.01 -13.42
C LEU B 433 -10.47 -1.51 -14.57
N SER B 434 -11.29 -2.38 -15.18
CA SER B 434 -12.17 -1.82 -16.27
C SER B 434 -13.10 -0.69 -15.80
N GLU B 435 -13.53 -0.76 -14.53
CA GLU B 435 -14.39 0.26 -13.91
C GLU B 435 -13.59 1.53 -13.51
N ALA B 436 -12.47 1.32 -12.84
CA ALA B 436 -11.62 2.42 -12.35
C ALA B 436 -11.07 3.27 -13.45
N ARG B 437 -10.92 2.70 -14.66
CA ARG B 437 -10.26 3.40 -15.74
C ARG B 437 -11.27 4.25 -16.55
N LYS B 438 -12.57 4.11 -16.25
CA LYS B 438 -13.62 4.93 -16.91
C LYS B 438 -13.80 6.22 -16.13
N ASP B 439 -12.91 7.18 -16.36
CA ASP B 439 -12.91 8.41 -15.61
C ASP B 439 -13.72 9.48 -16.35
N SER B 440 -15.03 9.25 -16.42
CA SER B 440 -15.97 10.18 -17.07
C SER B 440 -15.87 11.58 -16.52
N MET B 441 -15.82 11.70 -15.21
CA MET B 441 -15.77 13.04 -14.64
C MET B 441 -14.46 13.77 -14.98
N ARG B 442 -13.31 13.08 -14.94
CA ARG B 442 -12.06 13.69 -15.43
C ARG B 442 -12.12 14.09 -16.93
N LEU B 443 -12.66 13.21 -17.76
CA LEU B 443 -12.75 13.47 -19.16
C LEU B 443 -13.54 14.78 -19.36
N LYS B 444 -14.67 14.89 -18.68
CA LYS B 444 -15.49 16.08 -18.82
C LYS B 444 -14.79 17.30 -18.21
N TYR B 445 -14.05 17.08 -17.12
CA TYR B 445 -13.34 18.15 -16.46
C TYR B 445 -12.28 18.74 -17.41
N LEU B 446 -11.47 17.87 -18.01
CA LEU B 446 -10.44 18.26 -18.97
C LEU B 446 -11.05 19.01 -20.15
N GLN B 447 -12.04 18.42 -20.80
CA GLN B 447 -12.72 18.98 -21.95
C GLN B 447 -13.21 20.36 -21.60
N ASP B 448 -13.94 20.46 -20.50
CA ASP B 448 -14.52 21.75 -20.07
C ASP B 448 -13.46 22.85 -19.79
N HIS B 449 -12.38 22.45 -19.14
CA HIS B 449 -11.32 23.39 -18.80
C HIS B 449 -10.49 23.82 -20.00
N ILE B 450 -10.25 22.88 -20.91
CA ILE B 450 -9.53 23.17 -22.14
C ILE B 450 -10.34 24.09 -23.06
N PHE B 451 -11.66 23.83 -23.13
CA PHE B 451 -12.63 24.72 -23.74
C PHE B 451 -12.52 26.10 -23.14
N ASN B 452 -12.43 26.19 -21.82
CA ASN B 452 -12.29 27.51 -21.21
C ASN B 452 -10.96 28.23 -21.48
N VAL B 453 -9.84 27.50 -21.53
CA VAL B 453 -8.57 28.05 -21.98
C VAL B 453 -8.71 28.66 -23.40
N ARG B 454 -9.34 27.94 -24.34
CA ARG B 454 -9.60 28.44 -25.70
C ARG B 454 -10.44 29.70 -25.60
N GLN B 455 -11.43 29.72 -24.70
CA GLN B 455 -12.25 30.92 -24.54
C GLN B 455 -11.37 32.11 -24.10
N ALA B 456 -10.45 31.88 -23.17
CA ALA B 456 -9.58 32.95 -22.72
C ALA B 456 -8.65 33.46 -23.83
N MET B 457 -8.18 32.53 -24.68
CA MET B 457 -7.42 32.91 -25.86
C MET B 457 -8.26 33.76 -26.81
N ASN B 458 -9.55 33.49 -26.94
CA ASN B 458 -10.38 34.40 -27.75
C ASN B 458 -10.54 35.77 -27.11
N ASP B 459 -10.44 35.84 -25.78
CA ASP B 459 -10.49 37.11 -25.04
C ASP B 459 -9.14 37.89 -25.12
N GLY B 460 -8.13 37.32 -25.79
CA GLY B 460 -6.87 38.03 -25.95
C GLY B 460 -5.71 37.51 -25.10
N VAL B 461 -5.94 36.44 -24.35
CA VAL B 461 -4.87 35.91 -23.54
C VAL B 461 -3.94 35.02 -24.38
N ASN B 462 -2.64 35.37 -24.37
CA ASN B 462 -1.69 34.65 -25.16
C ASN B 462 -1.22 33.41 -24.37
N VAL B 463 -2.02 32.36 -24.43
CA VAL B 463 -1.71 31.08 -23.77
C VAL B 463 -0.92 30.26 -24.78
N LYS B 464 0.21 29.70 -24.37
CA LYS B 464 1.10 29.02 -25.31
C LYS B 464 1.02 27.50 -25.19
N GLY B 465 0.41 26.99 -24.11
CA GLY B 465 0.35 25.55 -23.88
C GLY B 465 -0.48 25.24 -22.66
N TYR B 466 -0.83 23.96 -22.49
CA TYR B 466 -1.67 23.52 -21.36
C TYR B 466 -1.12 22.17 -20.90
N PHE B 467 -0.91 22.00 -19.60
CA PHE B 467 -0.44 20.73 -19.09
C PHE B 467 -1.44 20.14 -18.10
N ALA B 468 -1.98 18.95 -18.39
CA ALA B 468 -2.86 18.30 -17.45
C ALA B 468 -2.04 17.84 -16.24
N TRP B 469 -2.66 17.82 -15.06
CA TRP B 469 -2.04 17.22 -13.87
C TRP B 469 -2.96 16.07 -13.53
N SER B 470 -2.48 14.85 -13.36
CA SER B 470 -1.07 14.47 -13.50
C SER B 470 -0.94 13.36 -14.56
N LEU B 471 0.25 13.02 -15.00
CA LEU B 471 0.36 11.89 -15.90
C LEU B 471 -0.08 10.61 -15.17
N LEU B 472 0.46 10.43 -13.97
CA LEU B 472 0.29 9.20 -13.21
C LEU B 472 -0.40 9.52 -11.89
N ASP B 473 -1.27 8.62 -11.44
CA ASP B 473 -1.70 8.64 -10.05
C ASP B 473 -0.39 8.60 -9.25
N ASN B 474 -0.34 9.35 -8.15
CA ASN B 474 0.90 9.49 -7.44
C ASN B 474 0.68 9.93 -5.98
N PHE B 475 1.76 10.25 -5.28
CA PHE B 475 1.71 10.63 -3.89
C PHE B 475 1.11 12.03 -3.75
N GLU B 476 -0.10 12.12 -3.22
CA GLU B 476 -0.76 13.41 -3.18
C GLU B 476 -0.52 14.10 -1.83
N TRP B 477 0.76 14.25 -1.50
CA TRP B 477 1.19 14.93 -0.30
C TRP B 477 0.46 14.47 0.99
N GLY B 478 -0.15 15.41 1.72
CA GLY B 478 -0.88 15.10 2.96
C GLY B 478 -1.98 14.08 2.78
N GLU B 479 -2.38 13.85 1.53
CA GLU B 479 -3.48 12.95 1.28
C GLU B 479 -2.98 11.55 0.96
N GLY B 480 -1.68 11.37 0.87
CA GLY B 480 -1.14 10.08 0.48
C GLY B 480 -1.60 9.58 -0.88
N TYR B 481 -1.81 8.28 -0.98
CA TYR B 481 -2.02 7.67 -2.33
C TYR B 481 -3.49 7.53 -2.76
N GLY B 482 -4.42 7.77 -1.82
CA GLY B 482 -5.85 7.50 -2.09
C GLY B 482 -6.49 8.50 -3.03
N VAL B 483 -5.82 9.64 -3.20
CA VAL B 483 -6.29 10.66 -4.10
C VAL B 483 -5.61 10.52 -5.48
N ARG B 484 -6.37 10.08 -6.48
CA ARG B 484 -5.82 9.78 -7.81
C ARG B 484 -6.08 10.87 -8.83
N PHE B 485 -5.02 11.55 -9.25
CA PHE B 485 -5.12 12.66 -10.23
C PHE B 485 -4.72 12.24 -11.65
N GLY B 486 -4.27 11.01 -11.82
CA GLY B 486 -3.63 10.62 -13.08
C GLY B 486 -4.57 10.49 -14.26
N ILE B 487 -4.03 10.68 -15.46
CA ILE B 487 -4.74 10.20 -16.63
C ILE B 487 -4.29 8.77 -16.88
N ILE B 488 -3.25 8.34 -16.14
CA ILE B 488 -2.75 6.98 -16.16
C ILE B 488 -2.98 6.36 -14.78
N HIS B 489 -3.72 5.27 -14.76
CA HIS B 489 -4.02 4.53 -13.55
C HIS B 489 -2.77 3.79 -13.01
N ILE B 490 -2.57 3.80 -11.71
CA ILE B 490 -1.50 2.99 -11.07
C ILE B 490 -2.09 1.87 -10.25
N ASP B 491 -1.63 0.65 -10.47
CA ASP B 491 -2.02 -0.43 -9.58
C ASP B 491 -1.04 -0.59 -8.42
N TYR B 492 -1.40 -0.02 -7.25
CA TYR B 492 -0.56 -0.08 -6.03
C TYR B 492 -0.40 -1.51 -5.46
N ASN B 493 -1.20 -2.47 -5.93
CA ASN B 493 -1.09 -3.84 -5.45
C ASN B 493 -0.08 -4.67 -6.22
N ASP B 494 0.33 -4.16 -7.39
CA ASP B 494 1.20 -4.87 -8.31
C ASP B 494 2.30 -4.02 -8.97
N ASN B 495 3.34 -3.60 -8.20
CA ASN B 495 4.49 -2.86 -8.77
C ASN B 495 4.10 -1.64 -9.60
N PHE B 496 3.03 -0.97 -9.21
CA PHE B 496 2.66 0.31 -9.73
C PHE B 496 2.37 0.21 -11.24
N ALA B 497 1.79 -0.91 -11.69
CA ALA B 497 1.47 -1.17 -13.09
C ALA B 497 0.69 0.06 -13.63
N ARG B 498 1.09 0.59 -14.78
CA ARG B 498 0.40 1.70 -15.43
C ARG B 498 -0.67 1.16 -16.34
N TYR B 499 -1.81 1.83 -16.40
CA TYR B 499 -2.83 1.53 -17.41
C TYR B 499 -3.55 2.82 -17.77
N PRO B 500 -3.66 3.13 -19.08
CA PRO B 500 -4.35 4.43 -19.45
C PRO B 500 -5.85 4.52 -19.09
N LYS B 501 -6.28 5.62 -18.48
CA LYS B 501 -7.71 5.90 -18.28
C LYS B 501 -8.31 6.40 -19.60
N ASP B 502 -9.65 6.47 -19.63
CA ASP B 502 -10.31 7.03 -20.82
C ASP B 502 -9.82 8.45 -21.09
N SER B 503 -9.52 9.24 -20.04
CA SER B 503 -9.02 10.59 -20.30
C SER B 503 -7.70 10.60 -21.11
N ALA B 504 -6.79 9.64 -20.87
CA ALA B 504 -5.53 9.57 -21.63
C ALA B 504 -5.81 9.26 -23.08
N VAL B 505 -6.72 8.31 -23.31
CA VAL B 505 -7.05 7.89 -24.67
C VAL B 505 -7.64 9.05 -25.47
N TRP B 506 -8.52 9.81 -24.82
CA TRP B 506 -9.14 10.99 -25.45
C TRP B 506 -8.12 12.12 -25.75
N LEU B 507 -7.22 12.41 -24.79
CA LEU B 507 -6.10 13.30 -25.05
C LEU B 507 -5.27 12.90 -26.28
N MET B 508 -4.82 11.64 -26.35
CA MET B 508 -4.13 11.12 -27.57
C MET B 508 -4.95 11.34 -28.85
N ASN B 509 -6.20 10.87 -28.82
CA ASN B 509 -7.02 10.93 -30.02
C ASN B 509 -7.28 12.37 -30.50
N SER B 510 -7.48 13.25 -29.53
CA SER B 510 -7.97 14.59 -29.78
C SER B 510 -6.86 15.61 -30.00
N PHE B 511 -5.66 15.35 -29.46
CA PHE B 511 -4.56 16.33 -29.47
C PHE B 511 -3.20 15.86 -30.08
N HIS B 512 -2.98 14.56 -30.26
CA HIS B 512 -1.72 14.11 -30.89
C HIS B 512 -1.63 14.66 -32.31
N LYS B 513 -0.50 15.25 -32.68
CA LYS B 513 -0.29 15.74 -34.04
C LYS B 513 0.06 14.61 -35.01
S SO4 C . 12.56 6.30 15.07
O1 SO4 C . 13.37 6.07 16.22
O2 SO4 C . 13.39 7.07 14.17
O3 SO4 C . 12.14 5.00 14.58
O4 SO4 C . 11.42 7.07 15.47
S SO4 D . 11.26 -31.90 -13.74
O1 SO4 D . 12.06 -32.26 -12.56
O2 SO4 D . 12.22 -31.85 -14.81
O3 SO4 D . 10.20 -32.86 -13.94
O4 SO4 D . 10.50 -30.66 -13.65
C1 VM2 E . -7.74 -18.79 12.39
C2 VM2 E . -8.73 -18.85 11.20
C3 VM2 E . -10.21 -18.53 11.44
C4 VM2 E . -10.61 -18.24 12.90
C5 VM2 E . -9.60 -17.26 13.46
C6 VM2 E . -8.20 -17.91 13.59
C2B VM2 E . -3.96 -19.42 9.07
C3B VM2 E . -2.98 -18.40 8.45
C4B VM2 E . -3.46 -17.10 9.05
C5B VM2 E . -3.59 -17.51 10.52
C6B VM2 E . -4.21 -16.41 11.42
O2B VM2 E . -3.34 -20.70 9.13
O3B VM2 E . -2.97 -18.36 7.02
O4B VM2 E . -2.61 -15.96 8.79
O6B VM2 E . -5.42 -15.87 10.80
CAR VM2 E . -4.32 -18.88 10.45
N2B VM2 E . -5.79 -18.87 10.69
C7B VM2 E . -6.36 -18.28 11.92
S SO4 F . -12.47 -6.21 -15.16
O1 SO4 F . -11.56 -5.14 -14.87
O2 SO4 F . -13.15 -5.94 -16.41
O3 SO4 F . -11.83 -7.48 -15.22
O4 SO4 F . -13.46 -6.25 -14.12
C1 VM2 G . -3.33 23.16 -4.91
C2 VM2 G . -2.43 23.37 -3.67
C3 VM2 G . -3.11 23.71 -2.32
C4 VM2 G . -4.57 24.17 -2.49
C5 VM2 G . -5.38 23.11 -3.26
C6 VM2 G . -4.70 22.57 -4.54
C2B VM2 G . 0.80 20.77 -6.86
C3B VM2 G . 1.05 19.24 -7.00
C4B VM2 G . -0.20 18.66 -6.36
C5B VM2 G . -1.27 19.52 -7.10
C6B VM2 G . -2.73 19.30 -6.66
O2B VM2 G . 1.41 21.50 -7.95
O3B VM2 G . 2.29 18.70 -6.50
O4B VM2 G . -0.43 17.26 -6.59
O6B VM2 G . -2.83 19.08 -5.23
CAR VM2 G . -0.74 20.94 -6.91
N2B VM2 G . -1.37 21.69 -5.78
C7B VM2 G . -2.73 22.24 -5.97
#